data_9J2P
#
_entry.id   9J2P
#
_cell.length_a   82.918
_cell.length_b   91.250
_cell.length_c   113.002
_cell.angle_alpha   90.00
_cell.angle_beta   90.00
_cell.angle_gamma   90.00
#
_symmetry.space_group_name_H-M   'P 21 21 21'
#
loop_
_entity.id
_entity.type
_entity.pdbx_description
1 polymer SnPolE
2 non-polymer 'FE (II) ION'
3 non-polymer ISOLEUCINE
4 non-polymer 5,6,7,8-TETRAHYDROBIOPTERIN
5 water water
#
_entity_poly.entity_id   1
_entity_poly.type   'polypeptide(L)'
_entity_poly.pdbx_seq_one_letter_code
;MPNSPTAAVIAEVDELREKIKGSRNSFRDQSFLDQLAQHIADAPHLGRQPIARALVEDLRGYASEPRLAAVKAHINEERD
QHIFSLFDASYFPSLSLEYLTYETLPTNPHLAARYASPTMPVNIIASSKGFQSRVVVALFPENHIDGIQRGDDLIFYFIN
KFVERHNRITRKMIDAVMAEGSFPLLRGADDRTVEQASSWWVRLHEYHHRQGDMPIPEFLRYKKLKPLAGLEELRVDVSG
MLVCLNDPELPADEARLAYEYILSERLLRYAVEGIPRPNYDAVASQLLFNYLSEHGGIELHGGVIRLCPELPAVLTEFLD
RIQRIEQRIHTTSAEEVQQNLLEFTNRYTDYDPDAKDYRHIPFFAEIKERLGV
;
_entity_poly.pdbx_strand_id   A,B
#
# COMPACT_ATOMS: atom_id res chain seq x y z
N SER A 4 -27.82 -14.85 24.45
CA SER A 4 -26.78 -15.76 23.93
C SER A 4 -25.65 -15.93 24.93
N PRO A 5 -25.42 -17.16 25.39
CA PRO A 5 -24.25 -17.40 26.27
C PRO A 5 -22.94 -16.94 25.66
N THR A 6 -22.73 -17.19 24.36
CA THR A 6 -21.46 -16.81 23.75
C THR A 6 -21.33 -15.29 23.65
N ALA A 7 -22.44 -14.59 23.38
CA ALA A 7 -22.39 -13.13 23.32
C ALA A 7 -22.03 -12.55 24.68
N ALA A 8 -22.52 -13.16 25.77
CA ALA A 8 -22.17 -12.69 27.11
C ALA A 8 -20.69 -12.87 27.38
N VAL A 9 -20.12 -14.00 26.94
CA VAL A 9 -18.68 -14.23 27.13
C VAL A 9 -17.89 -13.21 26.33
N ILE A 10 -18.25 -13.03 25.06
CA ILE A 10 -17.50 -12.13 24.18
C ILE A 10 -17.65 -10.69 24.64
N ALA A 11 -18.80 -10.33 25.21
CA ALA A 11 -18.94 -8.99 25.75
C ALA A 11 -17.94 -8.74 26.88
N GLU A 12 -17.70 -9.76 27.72
CA GLU A 12 -16.72 -9.63 28.79
C GLU A 12 -15.30 -9.50 28.23
N VAL A 13 -14.96 -10.28 27.21
CA VAL A 13 -13.64 -10.18 26.60
C VAL A 13 -13.46 -8.79 25.99
N ASP A 14 -14.47 -8.33 25.26
CA ASP A 14 -14.39 -7.04 24.58
C ASP A 14 -14.21 -5.90 25.58
N GLU A 15 -14.84 -6.01 26.75
CA GLU A 15 -14.69 -4.95 27.74
C GLU A 15 -13.30 -4.98 28.38
N LEU A 16 -12.77 -6.16 28.67
CA LEU A 16 -11.40 -6.26 29.15
C LEU A 16 -10.42 -5.78 28.08
N ARG A 17 -10.66 -6.16 26.82
CA ARG A 17 -9.85 -5.68 25.71
C ARG A 17 -9.78 -4.16 25.68
N GLU A 18 -10.94 -3.49 25.83
CA GLU A 18 -10.95 -2.04 25.87
C GLU A 18 -10.10 -1.50 27.01
N LYS A 19 -10.21 -2.10 28.21
CA LYS A 19 -9.48 -1.56 29.35
C LYS A 19 -7.97 -1.66 29.17
N ILE A 20 -7.48 -2.63 28.41
CA ILE A 20 -6.03 -2.85 28.30
C ILE A 20 -5.47 -2.27 27.01
N LYS A 21 -6.27 -1.54 26.24
CA LYS A 21 -5.86 -1.09 24.91
C LYS A 21 -4.62 -0.21 24.96
N GLY A 22 -4.46 0.57 26.02
CA GLY A 22 -3.31 1.44 26.09
C GLY A 22 -2.07 0.83 26.70
N SER A 23 -2.07 -0.47 26.96
CA SER A 23 -1.02 -1.07 27.78
C SER A 23 -0.25 -2.17 27.05
N ARG A 24 -0.15 -2.13 25.72
CA ARG A 24 0.58 -3.19 25.04
C ARG A 24 2.01 -3.30 25.52
N ASN A 25 2.64 -2.17 25.85
CA ASN A 25 4.01 -2.22 26.34
C ASN A 25 4.15 -3.00 27.63
N SER A 26 3.05 -3.20 28.37
CA SER A 26 3.07 -3.93 29.62
C SER A 26 2.59 -5.38 29.49
N PHE A 27 2.37 -5.87 28.27
CA PHE A 27 1.75 -7.18 28.10
C PHE A 27 2.61 -8.33 28.62
N ARG A 28 3.88 -8.10 28.89
CA ARG A 28 4.72 -9.12 29.52
C ARG A 28 5.19 -8.73 30.91
N ASP A 29 4.76 -7.58 31.41
CA ASP A 29 5.02 -7.18 32.79
C ASP A 29 4.17 -8.00 33.74
N GLN A 30 4.81 -8.60 34.76
CA GLN A 30 4.09 -9.54 35.61
C GLN A 30 3.05 -8.83 36.47
N SER A 31 3.28 -7.56 36.82
CA SER A 31 2.26 -6.80 37.55
C SER A 31 0.99 -6.64 36.72
N PHE A 32 1.16 -6.27 35.45
CA PHE A 32 0.00 -6.21 34.56
C PHE A 32 -0.63 -7.58 34.37
N LEU A 33 0.20 -8.61 34.18
CA LEU A 33 -0.34 -9.94 33.90
C LEU A 33 -1.13 -10.48 35.08
N ASP A 34 -0.64 -10.25 36.30
CA ASP A 34 -1.40 -10.66 37.48
C ASP A 34 -2.77 -10.00 37.50
N GLN A 35 -2.83 -8.70 37.18
CA GLN A 35 -4.11 -8.01 37.17
C GLN A 35 -5.02 -8.51 36.07
N LEU A 36 -4.46 -8.71 34.87
CA LEU A 36 -5.26 -9.26 33.77
C LEU A 36 -5.82 -10.63 34.13
N ALA A 37 -4.94 -11.52 34.60
CA ALA A 37 -5.35 -12.86 35.02
C ALA A 37 -6.46 -12.80 36.07
N GLN A 38 -6.31 -11.93 37.07
CA GLN A 38 -7.33 -11.84 38.11
C GLN A 38 -8.66 -11.39 37.52
N HIS A 39 -8.62 -10.42 36.60
CA HIS A 39 -9.86 -9.96 35.98
C HIS A 39 -10.50 -11.04 35.10
N ILE A 40 -9.69 -11.84 34.40
CA ILE A 40 -10.25 -12.96 33.64
C ILE A 40 -10.89 -13.96 34.60
N ALA A 41 -10.21 -14.27 35.69
CA ALA A 41 -10.72 -15.26 36.63
C ALA A 41 -12.05 -14.84 37.22
N ASP A 42 -12.22 -13.53 37.48
CA ASP A 42 -13.43 -13.00 38.10
C ASP A 42 -14.54 -12.70 37.10
N ALA A 43 -14.30 -12.84 35.80
CA ALA A 43 -15.35 -12.57 34.82
C ALA A 43 -16.47 -13.59 34.98
N PRO A 44 -17.72 -13.15 35.19
CA PRO A 44 -18.80 -14.11 35.51
C PRO A 44 -18.89 -15.28 34.56
N HIS A 45 -18.90 -15.04 33.25
CA HIS A 45 -19.09 -16.09 32.25
C HIS A 45 -17.77 -16.58 31.67
N LEU A 46 -16.88 -15.66 31.30
CA LEU A 46 -15.59 -16.03 30.73
C LEU A 46 -14.78 -16.87 31.73
N GLY A 47 -14.74 -16.45 32.98
CA GLY A 47 -13.87 -17.10 33.95
C GLY A 47 -14.19 -18.57 34.17
N ARG A 48 -15.44 -18.97 33.90
CA ARG A 48 -15.83 -20.37 34.05
C ARG A 48 -15.16 -21.28 33.03
N GLN A 49 -14.74 -20.74 31.89
CA GLN A 49 -14.38 -21.56 30.75
C GLN A 49 -13.04 -22.26 30.98
N PRO A 50 -12.93 -23.56 30.64
CA PRO A 50 -11.62 -24.21 30.70
C PRO A 50 -10.51 -23.41 30.03
N ILE A 51 -10.76 -22.85 28.84
CA ILE A 51 -9.65 -22.19 28.16
C ILE A 51 -9.25 -20.92 28.90
N ALA A 52 -10.20 -20.25 29.56
CA ALA A 52 -9.85 -19.08 30.37
C ALA A 52 -9.03 -19.49 31.60
N ARG A 53 -9.36 -20.63 32.21
CA ARG A 53 -8.56 -21.08 33.35
C ARG A 53 -7.14 -21.41 32.93
N ALA A 54 -6.98 -21.95 31.72
CA ALA A 54 -5.64 -22.24 31.21
C ALA A 54 -4.84 -20.97 31.01
N LEU A 55 -5.45 -19.96 30.37
CA LEU A 55 -4.74 -18.71 30.17
C LEU A 55 -4.38 -18.05 31.50
N VAL A 56 -5.33 -18.04 32.45
CA VAL A 56 -5.06 -17.47 33.76
C VAL A 56 -3.82 -18.11 34.38
N GLU A 57 -3.73 -19.44 34.30
CA GLU A 57 -2.56 -20.13 34.84
C GLU A 57 -1.29 -19.75 34.09
N ASP A 58 -1.36 -19.70 32.76
CA ASP A 58 -0.20 -19.31 31.97
C ASP A 58 0.25 -17.89 32.33
N LEU A 59 -0.71 -16.97 32.40
CA LEU A 59 -0.37 -15.59 32.70
C LEU A 59 0.20 -15.46 34.10
N ARG A 60 -0.39 -16.15 35.07
CA ARG A 60 0.10 -16.04 36.44
C ARG A 60 1.50 -16.60 36.61
N GLY A 61 1.93 -17.49 35.73
CA GLY A 61 3.25 -18.09 35.83
C GLY A 61 4.28 -17.52 34.88
N TYR A 62 3.97 -16.43 34.18
CA TYR A 62 4.77 -16.00 33.03
C TYR A 62 6.16 -15.52 33.41
N ALA A 63 6.34 -15.02 34.63
CA ALA A 63 7.66 -14.54 35.03
C ALA A 63 8.68 -15.66 35.09
N SER A 64 8.26 -16.87 35.48
CA SER A 64 9.21 -17.99 35.46
C SER A 64 9.20 -18.74 34.13
N GLU A 65 8.03 -18.93 33.52
CA GLU A 65 7.89 -19.67 32.26
C GLU A 65 7.15 -18.76 31.28
N PRO A 66 7.89 -18.00 30.49
CA PRO A 66 7.26 -17.13 29.50
C PRO A 66 6.74 -17.93 28.31
N ARG A 67 5.73 -18.74 28.57
CA ARG A 67 5.07 -19.59 27.59
C ARG A 67 3.58 -19.53 27.89
N LEU A 68 2.77 -19.76 26.85
CA LEU A 68 1.35 -19.97 27.07
C LEU A 68 1.04 -21.46 26.84
N ALA A 69 1.71 -22.32 27.62
CA ALA A 69 1.68 -23.75 27.32
C ALA A 69 0.29 -24.35 27.56
N ALA A 70 -0.38 -23.97 28.65
CA ALA A 70 -1.67 -24.59 28.94
C ALA A 70 -2.72 -24.19 27.93
N VAL A 71 -2.72 -22.92 27.53
CA VAL A 71 -3.65 -22.44 26.51
C VAL A 71 -3.40 -23.17 25.20
N LYS A 72 -2.13 -23.26 24.80
CA LYS A 72 -1.83 -23.91 23.54
C LYS A 72 -2.11 -25.41 23.60
N ALA A 73 -1.91 -26.05 24.75
CA ALA A 73 -2.25 -27.45 24.84
C ALA A 73 -3.75 -27.66 24.65
N HIS A 74 -4.57 -26.82 25.27
CA HIS A 74 -6.01 -26.85 25.07
C HIS A 74 -6.36 -26.68 23.59
N ILE A 75 -5.86 -25.62 22.96
CA ILE A 75 -6.16 -25.36 21.55
C ILE A 75 -5.67 -26.51 20.68
N ASN A 76 -4.40 -26.90 20.85
CA ASN A 76 -3.83 -27.89 19.93
C ASN A 76 -4.51 -29.24 20.08
N GLU A 77 -5.05 -29.56 21.25
CA GLU A 77 -5.75 -30.82 21.44
C GLU A 77 -7.22 -30.73 21.06
N GLU A 78 -7.68 -29.55 20.65
CA GLU A 78 -9.09 -29.33 20.32
C GLU A 78 -9.99 -29.80 21.45
N ARG A 79 -9.68 -29.39 22.66
CA ARG A 79 -10.54 -29.71 23.82
C ARG A 79 -11.92 -29.09 23.67
N ASP A 80 -12.02 -28.00 22.93
CA ASP A 80 -13.29 -27.51 22.44
C ASP A 80 -12.96 -26.62 21.24
N GLN A 81 -13.94 -25.88 20.77
CA GLN A 81 -13.77 -25.09 19.56
C GLN A 81 -13.66 -23.60 19.87
N HIS A 82 -13.04 -23.28 21.02
CA HIS A 82 -12.81 -21.91 21.44
C HIS A 82 -11.32 -21.59 21.34
N ILE A 83 -10.99 -20.37 20.96
CA ILE A 83 -9.64 -19.84 21.04
C ILE A 83 -9.70 -18.58 21.90
N PHE A 84 -8.81 -18.50 22.88
CA PHE A 84 -8.80 -17.37 23.81
C PHE A 84 -7.37 -17.18 24.26
N SER A 85 -6.81 -15.98 24.09
CA SER A 85 -5.44 -15.76 24.50
C SER A 85 -5.13 -14.27 24.52
N LEU A 86 -3.87 -13.96 24.85
CA LEU A 86 -3.32 -12.61 24.76
C LEU A 86 -2.33 -12.60 23.60
N PHE A 87 -2.55 -11.72 22.62
CA PHE A 87 -1.81 -11.76 21.35
C PHE A 87 -0.92 -10.55 21.15
N ASP A 88 0.18 -10.76 20.43
CA ASP A 88 1.06 -9.65 20.03
C ASP A 88 1.65 -10.04 18.68
N ALA A 89 0.91 -9.71 17.63
CA ALA A 89 1.26 -10.02 16.25
C ALA A 89 1.38 -8.69 15.49
N SER A 90 2.62 -8.31 15.12
CA SER A 90 2.80 -6.96 14.60
C SER A 90 2.02 -6.72 13.32
N TYR A 91 1.79 -7.77 12.52
CA TYR A 91 1.04 -7.63 11.28
C TYR A 91 -0.45 -7.83 11.45
N PHE A 92 -0.90 -8.21 12.65
CA PHE A 92 -2.31 -8.26 13.03
C PHE A 92 -2.49 -7.33 14.21
N PRO A 93 -2.30 -6.02 14.02
CA PRO A 93 -2.25 -5.12 15.18
C PRO A 93 -3.54 -5.06 15.98
N SER A 94 -4.66 -5.50 15.39
CA SER A 94 -5.93 -5.39 16.10
C SER A 94 -6.02 -6.38 17.26
N LEU A 95 -5.17 -7.39 17.30
CA LEU A 95 -5.30 -8.48 18.26
C LEU A 95 -4.61 -8.12 19.58
N SER A 96 -5.38 -8.13 20.67
CA SER A 96 -4.78 -8.06 22.00
C SER A 96 -5.32 -9.22 22.85
N LEU A 97 -6.32 -8.97 23.68
CA LEU A 97 -7.01 -10.06 24.37
C LEU A 97 -8.23 -10.39 23.51
N GLU A 98 -8.29 -11.62 23.01
CA GLU A 98 -9.28 -11.97 22.00
C GLU A 98 -9.83 -13.36 22.24
N TYR A 99 -11.01 -13.59 21.67
CA TYR A 99 -11.80 -14.80 21.86
C TYR A 99 -12.54 -15.10 20.57
N LEU A 100 -12.57 -16.38 20.17
CA LEU A 100 -13.46 -16.76 19.08
C LEU A 100 -13.91 -18.19 19.27
N THR A 101 -15.02 -18.51 18.61
CA THR A 101 -15.49 -19.88 18.47
C THR A 101 -15.50 -20.21 17.00
N TYR A 102 -15.06 -21.41 16.65
CA TYR A 102 -14.92 -21.78 15.25
C TYR A 102 -15.69 -23.08 14.97
N GLU A 103 -15.88 -23.34 13.69
CA GLU A 103 -16.39 -24.62 13.21
C GLU A 103 -15.46 -25.13 12.13
N THR A 104 -15.17 -26.42 12.16
CA THR A 104 -14.23 -26.99 11.22
C THR A 104 -14.91 -27.29 9.90
N LEU A 105 -14.10 -27.53 8.88
CA LEU A 105 -14.62 -27.78 7.56
C LEU A 105 -14.30 -29.20 7.14
N PRO A 106 -15.12 -29.80 6.28
CA PRO A 106 -14.84 -31.16 5.81
C PRO A 106 -13.51 -31.19 5.08
N THR A 107 -12.84 -32.33 5.11
CA THR A 107 -11.57 -32.47 4.41
C THR A 107 -11.56 -33.75 3.60
N ASN A 108 -10.97 -33.70 2.41
CA ASN A 108 -10.76 -34.91 1.63
C ASN A 108 -9.73 -35.79 2.32
N PRO A 109 -10.05 -37.07 2.57
CA PRO A 109 -9.10 -37.94 3.29
C PRO A 109 -7.73 -38.04 2.65
N HIS A 110 -7.65 -38.19 1.32
CA HIS A 110 -6.34 -38.31 0.68
C HIS A 110 -5.52 -37.04 0.84
N LEU A 111 -6.17 -35.89 0.65
CA LEU A 111 -5.49 -34.61 0.82
C LEU A 111 -4.91 -34.48 2.23
N ALA A 112 -5.74 -34.74 3.25
CA ALA A 112 -5.30 -34.62 4.64
C ALA A 112 -4.17 -35.58 4.97
N ALA A 113 -4.14 -36.75 4.33
CA ALA A 113 -3.13 -37.76 4.63
C ALA A 113 -1.83 -37.51 3.88
N ARG A 114 -1.91 -37.23 2.58
CA ARG A 114 -0.73 -37.15 1.73
C ARG A 114 -0.05 -35.78 1.84
N TYR A 115 -0.81 -34.73 2.13
CA TYR A 115 -0.27 -33.37 2.22
C TYR A 115 -0.46 -32.88 3.65
N ALA A 116 -0.11 -33.72 4.62
CA ALA A 116 -0.48 -33.44 6.01
C ALA A 116 0.27 -32.25 6.56
N SER A 117 -0.45 -31.45 7.35
CA SER A 117 0.13 -30.36 8.13
C SER A 117 -0.84 -30.03 9.25
N PRO A 118 -0.42 -29.30 10.25
CA PRO A 118 -1.31 -28.94 11.35
C PRO A 118 -2.19 -27.73 11.03
N THR A 119 -2.90 -27.79 9.91
CA THR A 119 -3.67 -26.63 9.44
C THR A 119 -5.14 -26.83 9.76
N MET A 120 -5.79 -25.75 10.20
CA MET A 120 -7.20 -25.80 10.59
C MET A 120 -7.95 -24.75 9.79
N PRO A 121 -8.47 -25.11 8.63
CA PRO A 121 -9.37 -24.21 7.90
C PRO A 121 -10.72 -24.20 8.61
N VAL A 122 -11.13 -23.03 9.13
CA VAL A 122 -12.33 -22.95 9.95
C VAL A 122 -13.15 -21.73 9.52
N ASN A 123 -14.42 -21.75 9.90
CA ASN A 123 -15.25 -20.56 9.90
C ASN A 123 -15.34 -20.01 11.32
N ILE A 124 -15.19 -18.71 11.46
CA ILE A 124 -15.46 -18.04 12.73
C ILE A 124 -16.97 -17.93 12.93
N ILE A 125 -17.45 -18.46 14.05
CA ILE A 125 -18.87 -18.35 14.40
C ILE A 125 -19.15 -17.05 15.15
N ALA A 126 -18.30 -16.72 16.11
CA ALA A 126 -18.40 -15.52 16.92
C ALA A 126 -16.99 -15.15 17.35
N SER A 127 -16.77 -13.87 17.58
CA SER A 127 -15.42 -13.46 17.95
C SER A 127 -15.46 -12.09 18.61
N SER A 128 -14.43 -11.81 19.42
CA SER A 128 -14.16 -10.50 19.97
C SER A 128 -13.74 -9.55 18.85
N LYS A 129 -13.63 -8.27 19.21
CA LYS A 129 -13.53 -7.23 18.19
C LYS A 129 -12.24 -7.34 17.37
N GLY A 130 -11.12 -7.70 18.01
CA GLY A 130 -9.86 -7.75 17.27
C GLY A 130 -9.89 -8.74 16.12
N PHE A 131 -10.65 -9.83 16.28
CA PHE A 131 -10.77 -10.81 15.21
C PHE A 131 -11.73 -10.38 14.11
N GLN A 132 -12.47 -9.28 14.29
CA GLN A 132 -13.39 -8.87 13.24
C GLN A 132 -12.73 -8.01 12.18
N SER A 133 -11.47 -7.62 12.37
CA SER A 133 -10.77 -6.83 11.39
C SER A 133 -10.52 -7.66 10.13
N ARG A 134 -10.75 -7.04 8.98
CA ARG A 134 -10.54 -7.75 7.72
C ARG A 134 -9.08 -8.10 7.52
N VAL A 135 -8.18 -7.45 8.25
CA VAL A 135 -6.75 -7.78 8.18
C VAL A 135 -6.50 -9.21 8.68
N VAL A 136 -7.25 -9.65 9.68
CA VAL A 136 -6.91 -10.87 10.42
C VAL A 136 -7.57 -12.05 9.70
N VAL A 137 -6.80 -12.73 8.84
CA VAL A 137 -7.33 -13.84 8.05
C VAL A 137 -6.85 -15.17 8.53
N ALA A 138 -5.99 -15.19 9.54
CA ALA A 138 -5.41 -16.44 10.03
C ALA A 138 -4.84 -16.18 11.41
N LEU A 139 -4.40 -17.25 12.07
CA LEU A 139 -3.83 -17.13 13.40
C LEU A 139 -2.72 -18.15 13.53
N PHE A 140 -1.53 -17.67 13.84
CA PHE A 140 -0.36 -18.51 13.93
C PHE A 140 0.13 -18.64 15.37
N PRO A 141 0.79 -19.75 15.72
CA PRO A 141 1.15 -19.97 17.13
C PRO A 141 2.03 -18.87 17.70
N GLU A 142 2.92 -18.31 16.88
CA GLU A 142 3.78 -17.25 17.38
C GLU A 142 3.06 -15.92 17.54
N ASN A 143 1.78 -15.83 17.14
CA ASN A 143 1.00 -14.61 17.40
C ASN A 143 0.66 -14.45 18.87
N HIS A 144 0.63 -15.54 19.64
CA HIS A 144 0.47 -15.44 21.08
C HIS A 144 1.64 -14.65 21.68
N ILE A 145 1.43 -14.07 22.88
CA ILE A 145 2.49 -13.19 23.41
C ILE A 145 3.80 -13.95 23.59
N ASP A 146 3.76 -15.27 23.74
CA ASP A 146 5.03 -15.95 23.97
C ASP A 146 5.87 -16.03 22.70
N GLY A 147 5.29 -15.77 21.53
CA GLY A 147 6.07 -15.72 20.30
C GLY A 147 6.65 -17.03 19.82
N ILE A 148 6.21 -18.14 20.39
CA ILE A 148 6.77 -19.47 20.12
C ILE A 148 5.93 -20.18 19.06
N GLN A 149 6.59 -20.87 18.14
CA GLN A 149 5.92 -21.78 17.22
C GLN A 149 6.64 -23.12 17.20
N ARG A 150 5.88 -24.20 17.31
CA ARG A 150 6.42 -25.53 17.09
C ARG A 150 5.80 -26.13 15.83
N GLY A 151 6.53 -27.03 15.21
CA GLY A 151 6.12 -27.61 13.94
C GLY A 151 4.75 -28.27 13.97
N ASP A 152 4.28 -28.71 15.14
CA ASP A 152 3.00 -29.39 15.23
C ASP A 152 1.89 -28.54 15.86
N ASP A 153 2.17 -27.27 16.20
CA ASP A 153 1.14 -26.35 16.65
C ASP A 153 0.09 -26.14 15.55
N LEU A 154 -1.19 -26.12 15.95
CA LEU A 154 -2.24 -25.83 14.96
C LEU A 154 -2.14 -24.40 14.45
N ILE A 155 -2.38 -24.25 13.16
CA ILE A 155 -2.42 -22.96 12.47
C ILE A 155 -3.83 -22.82 11.93
N PHE A 156 -4.47 -21.68 12.19
CA PHE A 156 -5.86 -21.46 11.81
C PHE A 156 -5.96 -20.53 10.61
N TYR A 157 -6.82 -20.87 9.65
CA TYR A 157 -7.21 -19.98 8.56
C TYR A 157 -8.70 -19.71 8.65
N PHE A 158 -9.10 -18.44 8.55
CA PHE A 158 -10.52 -18.11 8.67
C PHE A 158 -11.14 -18.07 7.27
N ILE A 159 -11.64 -19.23 6.86
CA ILE A 159 -12.08 -19.44 5.48
C ILE A 159 -13.25 -18.53 5.15
N ASN A 160 -14.09 -18.23 6.14
CA ASN A 160 -15.22 -17.35 5.84
C ASN A 160 -14.72 -16.03 5.26
N LYS A 161 -13.55 -15.55 5.73
CA LYS A 161 -13.03 -14.29 5.23
C LYS A 161 -12.47 -14.42 3.80
N PHE A 162 -11.91 -15.58 3.46
CA PHE A 162 -11.45 -15.78 2.10
C PHE A 162 -12.63 -15.92 1.15
N VAL A 163 -13.70 -16.56 1.60
CA VAL A 163 -14.90 -16.63 0.76
C VAL A 163 -15.42 -15.22 0.51
N GLU A 164 -15.47 -14.39 1.55
CA GLU A 164 -15.92 -13.02 1.39
C GLU A 164 -15.09 -12.26 0.38
N ARG A 165 -13.75 -12.40 0.45
CA ARG A 165 -12.84 -11.72 -0.46
C ARG A 165 -13.01 -12.21 -1.89
N HIS A 166 -13.18 -13.52 -2.06
CA HIS A 166 -13.44 -14.07 -3.39
C HIS A 166 -14.69 -13.47 -3.99
N ASN A 167 -15.77 -13.41 -3.20
CA ASN A 167 -17.05 -12.91 -3.71
C ASN A 167 -17.00 -11.42 -4.03
N ARG A 168 -16.33 -10.64 -3.19
CA ARG A 168 -16.28 -9.19 -3.32
C ARG A 168 -15.30 -8.73 -4.40
N ILE A 169 -14.18 -9.44 -4.56
CA ILE A 169 -13.10 -8.95 -5.43
C ILE A 169 -12.87 -9.91 -6.59
N THR A 170 -12.56 -11.17 -6.30
CA THR A 170 -12.19 -12.09 -7.38
C THR A 170 -13.32 -12.25 -8.40
N ARG A 171 -14.55 -12.48 -7.95
CA ARG A 171 -15.63 -12.65 -8.92
C ARG A 171 -15.72 -11.45 -9.86
N LYS A 172 -15.66 -10.24 -9.31
CA LYS A 172 -15.72 -9.03 -10.11
C LYS A 172 -14.58 -8.97 -11.13
N MET A 173 -13.39 -9.42 -10.74
CA MET A 173 -12.23 -9.41 -11.62
C MET A 173 -12.34 -10.46 -12.71
N ILE A 174 -12.88 -11.63 -12.37
CA ILE A 174 -13.08 -12.66 -13.39
C ILE A 174 -14.00 -12.12 -14.48
N ASP A 175 -15.11 -11.51 -14.08
CA ASP A 175 -16.06 -11.00 -15.07
C ASP A 175 -15.43 -9.92 -15.93
N ALA A 176 -14.62 -9.04 -15.34
CA ALA A 176 -14.10 -7.88 -16.04
C ALA A 176 -12.83 -8.16 -16.82
N VAL A 177 -12.02 -9.13 -16.38
CA VAL A 177 -10.67 -9.29 -16.89
C VAL A 177 -10.49 -10.54 -17.74
N MET A 178 -11.31 -11.57 -17.58
CA MET A 178 -10.99 -12.86 -18.14
C MET A 178 -11.88 -13.15 -19.34
N ALA A 179 -11.34 -13.87 -20.31
CA ALA A 179 -12.13 -14.31 -21.44
C ALA A 179 -13.32 -15.15 -20.98
N GLU A 180 -14.44 -15.03 -21.69
CA GLU A 180 -15.62 -15.79 -21.30
C GLU A 180 -15.30 -17.28 -21.25
N GLY A 181 -15.79 -17.94 -20.20
CA GLY A 181 -15.55 -19.36 -20.00
C GLY A 181 -14.22 -19.74 -19.39
N SER A 182 -13.50 -18.78 -18.79
CA SER A 182 -12.16 -19.07 -18.28
C SER A 182 -12.20 -19.96 -17.03
N PHE A 183 -13.13 -19.70 -16.12
CA PHE A 183 -13.21 -20.41 -14.84
C PHE A 183 -14.62 -20.99 -14.74
N PRO A 184 -14.92 -22.02 -15.54
CA PRO A 184 -16.32 -22.49 -15.61
C PRO A 184 -16.85 -23.06 -14.30
N LEU A 185 -16.02 -23.79 -13.55
CA LEU A 185 -16.51 -24.39 -12.31
C LEU A 185 -16.79 -23.34 -11.25
N LEU A 186 -16.10 -22.20 -11.30
CA LEU A 186 -16.32 -21.15 -10.33
C LEU A 186 -17.56 -20.30 -10.63
N ARG A 187 -17.99 -20.22 -11.89
CA ARG A 187 -19.18 -19.43 -12.24
C ARG A 187 -20.37 -19.85 -11.41
N GLY A 188 -20.98 -18.88 -10.73
CA GLY A 188 -22.19 -19.10 -9.97
C GLY A 188 -22.04 -20.10 -8.84
N ALA A 189 -20.83 -20.63 -8.65
CA ALA A 189 -20.61 -21.57 -7.56
C ALA A 189 -21.01 -20.95 -6.23
N ASP A 190 -21.62 -21.75 -5.37
CA ASP A 190 -22.13 -21.23 -4.12
C ASP A 190 -21.00 -21.13 -3.09
N ASP A 191 -21.33 -20.53 -1.94
CA ASP A 191 -20.31 -20.29 -0.93
C ASP A 191 -19.74 -21.61 -0.40
N ARG A 192 -20.59 -22.62 -0.22
CA ARG A 192 -20.09 -23.90 0.28
C ARG A 192 -19.05 -24.49 -0.67
N THR A 193 -19.18 -24.22 -1.97
CA THR A 193 -18.23 -24.74 -2.95
C THR A 193 -16.89 -23.99 -2.87
N VAL A 194 -16.94 -22.66 -2.87
CA VAL A 194 -15.73 -21.84 -2.72
C VAL A 194 -15.06 -22.14 -1.38
N GLU A 195 -15.86 -22.31 -0.33
CA GLU A 195 -15.33 -22.67 0.99
C GLU A 195 -14.48 -23.94 0.92
N GLN A 196 -14.97 -24.95 0.21
CA GLN A 196 -14.23 -26.20 0.06
C GLN A 196 -12.92 -25.97 -0.69
N ALA A 197 -12.97 -25.24 -1.80
CA ALA A 197 -11.77 -24.99 -2.58
C ALA A 197 -10.76 -24.15 -1.78
N SER A 198 -11.25 -23.15 -1.05
CA SER A 198 -10.37 -22.37 -0.20
C SER A 198 -9.72 -23.23 0.88
N SER A 199 -10.47 -24.17 1.46
CA SER A 199 -9.87 -25.03 2.48
C SER A 199 -8.78 -25.90 1.88
N TRP A 200 -8.99 -26.43 0.66
CA TRP A 200 -7.91 -27.13 -0.04
C TRP A 200 -6.71 -26.21 -0.23
N TRP A 201 -6.96 -24.99 -0.68
CA TRP A 201 -5.88 -24.07 -0.97
C TRP A 201 -4.97 -23.87 0.24
N VAL A 202 -5.55 -23.58 1.42
CA VAL A 202 -4.70 -23.29 2.57
C VAL A 202 -4.00 -24.56 3.05
N ARG A 203 -4.66 -25.72 2.95
CA ARG A 203 -4.02 -26.97 3.33
C ARG A 203 -2.78 -27.24 2.47
N LEU A 204 -2.92 -27.04 1.16
CA LEU A 204 -1.78 -27.24 0.26
C LEU A 204 -0.72 -26.17 0.49
N HIS A 205 -1.15 -24.94 0.74
CA HIS A 205 -0.23 -23.83 0.99
C HIS A 205 0.71 -24.13 2.15
N GLU A 206 0.13 -24.51 3.29
CA GLU A 206 0.93 -24.78 4.48
C GLU A 206 1.85 -25.96 4.25
N TYR A 207 1.34 -26.99 3.57
CA TYR A 207 2.15 -28.18 3.31
C TYR A 207 3.38 -27.82 2.48
N HIS A 208 3.19 -27.08 1.38
CA HIS A 208 4.32 -26.87 0.47
C HIS A 208 5.33 -25.87 1.00
N HIS A 209 4.92 -24.97 1.90
CA HIS A 209 5.89 -24.08 2.52
C HIS A 209 7.04 -24.86 3.16
N ARG A 210 6.75 -26.06 3.66
CA ARG A 210 7.74 -26.86 4.36
C ARG A 210 8.49 -27.81 3.44
N GLN A 211 8.15 -27.85 2.16
CA GLN A 211 8.80 -28.66 1.14
C GLN A 211 9.82 -27.86 0.34
N GLY A 212 10.76 -28.58 -0.26
CA GLY A 212 11.74 -27.95 -1.14
C GLY A 212 13.10 -27.76 -0.48
N ASP A 213 13.97 -27.07 -1.21
CA ASP A 213 15.35 -26.86 -0.76
C ASP A 213 15.53 -25.63 0.09
N MET A 214 14.57 -24.70 0.13
CA MET A 214 14.60 -23.60 1.12
C MET A 214 13.26 -23.45 1.80
N PRO A 215 12.82 -24.47 2.54
CA PRO A 215 11.54 -24.38 3.24
C PRO A 215 11.54 -23.26 4.28
N ILE A 216 10.34 -22.81 4.62
CA ILE A 216 10.17 -21.98 5.81
C ILE A 216 9.51 -22.85 6.88
N PRO A 217 9.77 -22.61 8.16
CA PRO A 217 10.50 -21.48 8.74
C PRO A 217 12.04 -21.52 8.62
N GLU A 218 12.65 -22.63 8.19
CA GLU A 218 14.11 -22.70 8.22
C GLU A 218 14.76 -21.51 7.54
N PHE A 219 14.27 -21.13 6.35
CA PHE A 219 14.84 -20.03 5.58
C PHE A 219 13.94 -18.80 5.57
N LEU A 220 13.06 -18.67 6.56
CA LEU A 220 12.13 -17.55 6.60
C LEU A 220 12.85 -16.21 6.54
N ARG A 221 13.94 -16.06 7.29
CA ARG A 221 14.56 -14.73 7.36
C ARG A 221 15.23 -14.32 6.04
N TYR A 222 15.32 -15.22 5.07
CA TYR A 222 15.77 -14.88 3.73
C TYR A 222 14.61 -14.64 2.77
N LYS A 223 13.39 -14.86 3.23
CA LYS A 223 12.20 -14.77 2.38
C LYS A 223 11.19 -13.77 2.94
N LYS A 224 11.67 -12.71 3.61
CA LYS A 224 10.79 -11.66 4.08
C LYS A 224 10.85 -10.37 3.27
N LEU A 225 11.93 -10.11 2.52
CA LEU A 225 11.90 -9.00 1.58
C LEU A 225 10.69 -9.15 0.67
N LYS A 226 10.01 -8.02 0.39
CA LYS A 226 8.75 -8.06 -0.36
C LYS A 226 8.77 -9.02 -1.55
N PRO A 227 9.65 -8.84 -2.55
CA PRO A 227 9.60 -9.73 -3.72
C PRO A 227 9.82 -11.19 -3.36
N LEU A 228 10.67 -11.46 -2.36
CA LEU A 228 10.98 -12.84 -2.01
C LEU A 228 9.86 -13.48 -1.19
N ALA A 229 9.23 -12.70 -0.31
CA ALA A 229 8.04 -13.19 0.38
C ALA A 229 6.93 -13.52 -0.59
N GLY A 230 6.75 -12.66 -1.61
CA GLY A 230 5.77 -12.96 -2.64
C GLY A 230 6.15 -14.19 -3.46
N LEU A 231 7.43 -14.30 -3.85
CA LEU A 231 7.83 -15.44 -4.66
C LEU A 231 7.63 -16.75 -3.91
N GLU A 232 7.87 -16.74 -2.59
CA GLU A 232 7.68 -17.97 -1.82
C GLU A 232 6.20 -18.33 -1.73
N GLU A 233 5.32 -17.34 -1.52
CA GLU A 233 3.88 -17.56 -1.66
C GLU A 233 3.54 -18.19 -3.00
N LEU A 234 4.16 -17.69 -4.06
CA LEU A 234 3.80 -18.15 -5.40
C LEU A 234 4.34 -19.55 -5.66
N ARG A 235 5.56 -19.83 -5.18
CA ARG A 235 6.09 -21.19 -5.23
C ARG A 235 5.11 -22.20 -4.65
N VAL A 236 4.59 -21.92 -3.46
CA VAL A 236 3.72 -22.91 -2.83
C VAL A 236 2.36 -22.95 -3.51
N ASP A 237 1.85 -21.81 -4.00
CA ASP A 237 0.53 -21.90 -4.60
C ASP A 237 0.58 -22.50 -6.00
N VAL A 238 1.67 -22.30 -6.75
CA VAL A 238 1.82 -23.03 -8.00
C VAL A 238 1.98 -24.53 -7.72
N SER A 239 2.74 -24.88 -6.67
CA SER A 239 2.85 -26.30 -6.29
C SER A 239 1.47 -26.89 -6.01
N GLY A 240 0.61 -26.13 -5.35
CA GLY A 240 -0.72 -26.62 -5.04
C GLY A 240 -1.59 -26.76 -6.26
N MET A 241 -1.52 -25.76 -7.16
CA MET A 241 -2.17 -25.81 -8.46
C MET A 241 -1.85 -27.10 -9.18
N LEU A 242 -0.57 -27.46 -9.21
CA LEU A 242 -0.13 -28.63 -9.96
C LEU A 242 -0.54 -29.92 -9.27
N VAL A 243 -0.54 -29.95 -7.94
CA VAL A 243 -1.13 -31.07 -7.22
C VAL A 243 -2.58 -31.28 -7.64
N CYS A 244 -3.35 -30.20 -7.72
CA CYS A 244 -4.76 -30.32 -8.08
C CYS A 244 -4.93 -30.82 -9.51
N LEU A 245 -3.97 -30.52 -10.38
CA LEU A 245 -4.00 -31.00 -11.75
C LEU A 245 -3.47 -32.42 -11.89
N ASN A 246 -2.51 -32.82 -11.05
CA ASN A 246 -1.72 -34.03 -11.32
C ASN A 246 -2.00 -35.20 -10.40
N ASP A 247 -2.51 -34.97 -9.19
CA ASP A 247 -2.70 -36.07 -8.24
C ASP A 247 -4.02 -36.78 -8.53
N PRO A 248 -3.96 -38.00 -9.08
CA PRO A 248 -5.20 -38.66 -9.53
C PRO A 248 -6.02 -39.24 -8.39
N GLU A 249 -5.47 -39.32 -7.18
CA GLU A 249 -6.22 -39.76 -6.01
C GLU A 249 -7.11 -38.68 -5.44
N LEU A 250 -7.02 -37.45 -5.94
CA LEU A 250 -7.99 -36.46 -5.51
C LEU A 250 -9.27 -36.59 -6.36
N PRO A 251 -10.45 -36.37 -5.79
CA PRO A 251 -11.66 -36.40 -6.61
C PRO A 251 -11.56 -35.37 -7.73
N ALA A 252 -11.84 -35.82 -8.95
CA ALA A 252 -11.57 -35.01 -10.13
C ALA A 252 -12.34 -33.69 -10.10
N ASP A 253 -13.62 -33.74 -9.73
CA ASP A 253 -14.44 -32.53 -9.73
C ASP A 253 -13.94 -31.53 -8.67
N GLU A 254 -13.67 -32.01 -7.45
CA GLU A 254 -13.20 -31.12 -6.39
C GLU A 254 -11.81 -30.57 -6.68
N ALA A 255 -10.95 -31.35 -7.33
CA ALA A 255 -9.59 -30.88 -7.58
C ALA A 255 -9.57 -29.79 -8.64
N ARG A 256 -10.37 -29.94 -9.70
CA ARG A 256 -10.41 -28.91 -10.74
C ARG A 256 -10.97 -27.61 -10.19
N LEU A 257 -11.94 -27.70 -9.29
CA LEU A 257 -12.46 -26.50 -8.64
C LEU A 257 -11.37 -25.81 -7.82
N ALA A 258 -10.64 -26.57 -7.01
CA ALA A 258 -9.55 -25.99 -6.23
C ALA A 258 -8.50 -25.36 -7.14
N TYR A 259 -8.17 -26.04 -8.25
CA TYR A 259 -7.25 -25.46 -9.23
C TYR A 259 -7.76 -24.11 -9.74
N GLU A 260 -9.00 -24.07 -10.24
CA GLU A 260 -9.55 -22.79 -10.69
C GLU A 260 -9.47 -21.74 -9.59
N TYR A 261 -9.77 -22.13 -8.35
CA TYR A 261 -9.79 -21.15 -7.26
C TYR A 261 -8.41 -20.59 -6.99
N ILE A 262 -7.40 -21.47 -6.87
CA ILE A 262 -6.06 -20.98 -6.57
C ILE A 262 -5.53 -20.13 -7.70
N LEU A 263 -5.74 -20.59 -8.94
CA LEU A 263 -5.30 -19.83 -10.11
C LEU A 263 -5.98 -18.46 -10.16
N SER A 264 -7.31 -18.42 -9.97
CA SER A 264 -8.00 -17.13 -10.06
C SER A 264 -7.55 -16.18 -8.94
N GLU A 265 -7.31 -16.71 -7.75
CA GLU A 265 -6.84 -15.86 -6.67
C GLU A 265 -5.48 -15.27 -6.99
N ARG A 266 -4.54 -16.09 -7.48
CA ARG A 266 -3.18 -15.60 -7.69
C ARG A 266 -3.09 -14.78 -8.96
N LEU A 267 -3.93 -15.08 -9.96
CA LEU A 267 -3.82 -14.34 -11.22
C LEU A 267 -4.52 -12.99 -11.13
N LEU A 268 -5.52 -12.86 -10.26
CA LEU A 268 -6.36 -11.66 -10.22
C LEU A 268 -6.32 -10.98 -8.85
N ARG A 269 -6.93 -11.56 -7.82
CA ARG A 269 -7.10 -10.79 -6.57
C ARG A 269 -5.77 -10.37 -5.97
N TYR A 270 -4.80 -11.28 -5.91
CA TYR A 270 -3.51 -10.92 -5.33
C TYR A 270 -2.75 -9.95 -6.20
N ALA A 271 -3.04 -9.93 -7.51
CA ALA A 271 -2.24 -9.12 -8.42
C ALA A 271 -2.49 -7.63 -8.23
N VAL A 272 -3.61 -7.25 -7.61
CA VAL A 272 -3.95 -5.84 -7.45
C VAL A 272 -3.75 -5.35 -6.02
N GLU A 273 -3.25 -6.20 -5.12
CA GLU A 273 -3.13 -5.83 -3.73
C GLU A 273 -2.03 -4.79 -3.51
N GLY A 274 -2.32 -3.81 -2.66
CA GLY A 274 -1.35 -2.82 -2.24
C GLY A 274 -1.59 -1.45 -2.85
N ILE A 275 -1.52 -0.41 -2.03
CA ILE A 275 -1.58 0.98 -2.48
C ILE A 275 -0.51 1.78 -1.76
N PRO A 276 0.25 2.63 -2.44
CA PRO A 276 0.31 2.86 -3.89
C PRO A 276 1.12 1.81 -4.68
N ARG A 277 1.99 1.06 -3.99
CA ARG A 277 2.82 0.02 -4.60
C ARG A 277 2.24 -1.36 -4.38
N PRO A 278 2.56 -2.33 -5.23
CA PRO A 278 2.15 -3.72 -4.94
C PRO A 278 2.75 -4.19 -3.62
N ASN A 279 1.95 -4.95 -2.87
CA ASN A 279 2.47 -5.63 -1.69
C ASN A 279 3.21 -6.89 -2.13
N TYR A 280 3.66 -7.70 -1.18
CA TYR A 280 4.45 -8.89 -1.54
C TYR A 280 3.66 -9.84 -2.44
N ASP A 281 2.40 -10.12 -2.11
CA ASP A 281 1.60 -10.99 -2.98
C ASP A 281 1.53 -10.42 -4.40
N ALA A 282 1.30 -9.11 -4.52
CA ALA A 282 1.07 -8.55 -5.85
C ALA A 282 2.34 -8.59 -6.70
N VAL A 283 3.51 -8.32 -6.09
CA VAL A 283 4.74 -8.42 -6.88
C VAL A 283 4.84 -9.80 -7.51
N ALA A 284 4.61 -10.85 -6.71
CA ALA A 284 4.75 -12.21 -7.22
C ALA A 284 3.69 -12.54 -8.26
N SER A 285 2.46 -12.06 -8.04
CA SER A 285 1.40 -12.31 -9.00
C SER A 285 1.66 -11.60 -10.32
N GLN A 286 2.30 -10.44 -10.27
CA GLN A 286 2.64 -9.78 -11.52
C GLN A 286 3.80 -10.48 -12.21
N LEU A 287 4.76 -10.99 -11.42
CA LEU A 287 5.78 -11.89 -11.98
C LEU A 287 5.10 -13.04 -12.73
N LEU A 288 4.12 -13.69 -12.10
CA LEU A 288 3.41 -14.79 -12.75
C LEU A 288 2.74 -14.33 -14.05
N PHE A 289 1.99 -13.23 -13.97
CA PHE A 289 1.32 -12.69 -15.15
C PHE A 289 2.27 -12.55 -16.32
N ASN A 290 3.41 -11.88 -16.10
CA ASN A 290 4.32 -11.59 -17.20
C ASN A 290 5.06 -12.84 -17.65
N TYR A 291 5.47 -13.68 -16.70
CA TYR A 291 6.07 -14.97 -17.07
C TYR A 291 5.12 -15.78 -17.93
N LEU A 292 3.86 -15.91 -17.50
CA LEU A 292 2.91 -16.71 -18.27
C LEU A 292 2.66 -16.10 -19.64
N SER A 293 2.56 -14.77 -19.70
CA SER A 293 2.37 -14.08 -20.98
C SER A 293 3.55 -14.32 -21.91
N GLU A 294 4.75 -14.29 -21.35
CA GLU A 294 5.97 -14.40 -22.14
C GLU A 294 6.19 -15.82 -22.62
N HIS A 295 5.78 -16.81 -21.83
CA HIS A 295 6.15 -18.19 -22.08
C HIS A 295 5.01 -19.03 -22.63
N GLY A 296 3.89 -18.40 -22.98
CA GLY A 296 2.83 -19.10 -23.69
C GLY A 296 1.75 -19.72 -22.84
N GLY A 297 1.64 -19.36 -21.56
CA GLY A 297 0.59 -19.92 -20.73
C GLY A 297 -0.70 -19.13 -20.74
N ILE A 298 -0.63 -17.83 -21.02
CA ILE A 298 -1.82 -17.00 -21.18
C ILE A 298 -1.59 -16.08 -22.36
N GLU A 299 -2.69 -15.54 -22.88
CA GLU A 299 -2.66 -14.58 -23.96
C GLU A 299 -3.58 -13.43 -23.60
N LEU A 300 -3.18 -12.22 -23.99
CA LEU A 300 -4.01 -11.03 -23.85
C LEU A 300 -4.56 -10.65 -25.23
N HIS A 301 -5.88 -10.68 -25.36
CA HIS A 301 -6.58 -10.17 -26.54
C HIS A 301 -7.39 -8.96 -26.11
N GLY A 302 -6.95 -7.78 -26.53
CA GLY A 302 -7.65 -6.55 -26.21
C GLY A 302 -7.95 -6.40 -24.73
N GLY A 303 -6.91 -6.45 -23.91
CA GLY A 303 -7.04 -6.28 -22.47
C GLY A 303 -7.72 -7.40 -21.72
N VAL A 304 -8.03 -8.53 -22.37
CA VAL A 304 -8.73 -9.65 -21.76
C VAL A 304 -7.82 -10.87 -21.74
N ILE A 305 -7.78 -11.56 -20.60
CA ILE A 305 -6.87 -12.70 -20.40
C ILE A 305 -7.52 -13.99 -20.89
N ARG A 306 -6.81 -14.74 -21.74
CA ARG A 306 -7.18 -16.09 -22.15
C ARG A 306 -6.20 -17.08 -21.55
N LEU A 307 -6.72 -18.12 -20.90
CA LEU A 307 -5.87 -19.19 -20.38
C LEU A 307 -5.57 -20.16 -21.51
N CYS A 308 -4.28 -20.35 -21.82
CA CYS A 308 -3.98 -21.24 -22.93
C CYS A 308 -4.13 -22.69 -22.51
N PRO A 309 -4.42 -23.59 -23.45
CA PRO A 309 -4.46 -25.01 -23.10
C PRO A 309 -3.14 -25.51 -22.56
N GLU A 310 -2.04 -24.86 -22.94
CA GLU A 310 -0.69 -25.26 -22.54
C GLU A 310 -0.33 -24.77 -21.13
N LEU A 311 -1.25 -24.11 -20.44
CA LEU A 311 -0.91 -23.52 -19.15
C LEU A 311 -0.36 -24.53 -18.14
N PRO A 312 -0.90 -25.74 -17.99
CA PRO A 312 -0.27 -26.68 -17.05
C PRO A 312 1.21 -26.89 -17.32
N ALA A 313 1.61 -27.04 -18.59
CA ALA A 313 3.02 -27.21 -18.92
C ALA A 313 3.84 -25.97 -18.55
N VAL A 314 3.26 -24.79 -18.73
CA VAL A 314 4.00 -23.56 -18.43
C VAL A 314 4.11 -23.36 -16.93
N LEU A 315 3.06 -23.69 -16.17
CA LEU A 315 3.15 -23.64 -14.71
C LEU A 315 4.22 -24.59 -14.19
N THR A 316 4.33 -25.77 -14.80
CA THR A 316 5.38 -26.72 -14.43
C THR A 316 6.77 -26.16 -14.73
N GLU A 317 6.90 -25.48 -15.85
CA GLU A 317 8.20 -24.87 -16.21
C GLU A 317 8.53 -23.77 -15.19
N PHE A 318 7.52 -23.01 -14.80
CA PHE A 318 7.74 -21.94 -13.84
C PHE A 318 8.22 -22.49 -12.51
N LEU A 319 7.53 -23.51 -11.98
CA LEU A 319 7.98 -24.10 -10.72
C LEU A 319 9.36 -24.74 -10.88
N ASP A 320 9.61 -25.42 -12.01
CA ASP A 320 10.93 -25.99 -12.27
C ASP A 320 12.00 -24.92 -12.20
N ARG A 321 11.70 -23.73 -12.74
CA ARG A 321 12.68 -22.65 -12.73
C ARG A 321 12.95 -22.17 -11.32
N ILE A 322 11.90 -22.00 -10.50
CA ILE A 322 12.14 -21.61 -9.11
C ILE A 322 12.98 -22.66 -8.41
N GLN A 323 12.69 -23.94 -8.64
CA GLN A 323 13.40 -25.02 -7.95
C GLN A 323 14.86 -25.09 -8.39
N ARG A 324 15.16 -24.81 -9.66
CA ARG A 324 16.56 -24.75 -10.09
C ARG A 324 17.31 -23.66 -9.34
N ILE A 325 16.67 -22.50 -9.13
CA ILE A 325 17.33 -21.41 -8.42
C ILE A 325 17.58 -21.79 -6.97
N GLU A 326 16.57 -22.35 -6.31
CA GLU A 326 16.69 -22.69 -4.90
C GLU A 326 17.63 -23.88 -4.69
N GLN A 327 17.70 -24.80 -5.66
CA GLN A 327 18.52 -26.00 -5.47
C GLN A 327 19.98 -25.64 -5.21
N ARG A 328 20.43 -24.49 -5.71
CA ARG A 328 21.81 -24.08 -5.53
C ARG A 328 22.14 -23.66 -4.10
N ILE A 329 21.16 -23.66 -3.20
CA ILE A 329 21.47 -23.52 -1.78
C ILE A 329 22.48 -24.59 -1.35
N HIS A 330 22.55 -25.69 -2.11
CA HIS A 330 23.46 -26.78 -1.75
C HIS A 330 24.92 -26.45 -2.06
N THR A 331 25.18 -25.46 -2.92
CA THR A 331 26.54 -25.14 -3.35
C THR A 331 26.88 -23.67 -3.27
N THR A 332 25.95 -22.83 -2.82
CA THR A 332 26.18 -21.39 -2.69
C THR A 332 25.44 -20.92 -1.44
N SER A 333 25.69 -19.67 -1.06
CA SER A 333 25.10 -19.15 0.16
C SER A 333 23.64 -18.77 -0.06
N ALA A 334 22.87 -18.73 1.04
CA ALA A 334 21.50 -18.27 0.95
C ALA A 334 21.41 -16.87 0.37
N GLU A 335 22.44 -16.04 0.62
CA GLU A 335 22.45 -14.68 0.07
C GLU A 335 22.62 -14.70 -1.43
N GLU A 336 23.46 -15.61 -1.94
CA GLU A 336 23.61 -15.73 -3.38
C GLU A 336 22.32 -16.25 -4.03
N VAL A 337 21.63 -17.17 -3.36
CA VAL A 337 20.34 -17.62 -3.91
C VAL A 337 19.34 -16.48 -3.92
N GLN A 338 19.32 -15.69 -2.84
CA GLN A 338 18.44 -14.51 -2.79
C GLN A 338 18.64 -13.61 -3.99
N GLN A 339 19.90 -13.32 -4.30
CA GLN A 339 20.20 -12.44 -5.42
C GLN A 339 19.66 -13.01 -6.72
N ASN A 340 19.74 -14.34 -6.87
CA ASN A 340 19.25 -14.95 -8.09
C ASN A 340 17.74 -15.05 -8.11
N LEU A 341 17.09 -15.20 -6.95
CA LEU A 341 15.63 -15.10 -6.91
C LEU A 341 15.17 -13.69 -7.25
N LEU A 342 15.92 -12.67 -6.80
CA LEU A 342 15.56 -11.28 -7.10
C LEU A 342 15.73 -10.97 -8.58
N GLU A 343 16.83 -11.46 -9.17
CA GLU A 343 17.06 -11.24 -10.59
C GLU A 343 15.92 -11.83 -11.42
N PHE A 344 15.46 -13.02 -11.05
CA PHE A 344 14.35 -13.65 -11.74
C PHE A 344 13.08 -12.81 -11.59
N THR A 345 12.78 -12.40 -10.36
CA THR A 345 11.60 -11.57 -10.11
C THR A 345 11.63 -10.30 -10.96
N ASN A 346 12.78 -9.62 -10.99
CA ASN A 346 12.87 -8.32 -11.63
C ASN A 346 12.75 -8.39 -13.14
N ARG A 347 13.05 -9.55 -13.75
CA ARG A 347 12.86 -9.65 -15.19
C ARG A 347 11.39 -9.59 -15.59
N TYR A 348 10.47 -9.75 -14.65
CA TYR A 348 9.06 -9.91 -14.98
C TYR A 348 8.17 -8.97 -14.19
N THR A 349 8.74 -7.99 -13.48
CA THR A 349 7.98 -7.04 -12.71
C THR A 349 8.53 -5.65 -13.01
N ASP A 350 7.89 -4.63 -12.46
CA ASP A 350 8.34 -3.26 -12.70
C ASP A 350 9.11 -2.81 -11.47
N TYR A 351 10.41 -3.10 -11.45
CA TYR A 351 11.29 -2.71 -10.36
C TYR A 351 11.90 -1.34 -10.62
N ASP A 352 11.78 -0.44 -9.63
CA ASP A 352 12.39 0.88 -9.70
C ASP A 352 13.72 0.83 -8.96
N PRO A 353 14.85 0.84 -9.65
CA PRO A 353 16.13 0.64 -8.95
C PRO A 353 16.50 1.78 -8.00
N ASP A 354 16.09 3.02 -8.29
CA ASP A 354 16.44 4.11 -7.38
C ASP A 354 15.59 4.08 -6.12
N ALA A 355 14.29 3.82 -6.25
CA ALA A 355 13.44 3.67 -5.09
C ALA A 355 13.68 2.35 -4.35
N LYS A 356 14.28 1.35 -5.03
CA LYS A 356 14.45 0.00 -4.52
C LYS A 356 13.11 -0.60 -4.10
N ASP A 357 12.11 -0.40 -4.94
CA ASP A 357 10.78 -0.94 -4.69
C ASP A 357 10.09 -1.09 -6.04
N TYR A 358 8.86 -1.61 -6.00
CA TYR A 358 8.15 -2.02 -7.19
C TYR A 358 6.98 -1.11 -7.46
N ARG A 359 6.60 -1.04 -8.74
CA ARG A 359 5.38 -0.38 -9.18
C ARG A 359 4.41 -1.42 -9.72
N HIS A 360 3.11 -1.17 -9.54
CA HIS A 360 2.12 -2.00 -10.20
C HIS A 360 2.34 -1.95 -11.70
N ILE A 361 2.43 -3.11 -12.35
CA ILE A 361 2.64 -3.13 -13.80
C ILE A 361 1.41 -2.52 -14.48
N PRO A 362 1.56 -1.88 -15.65
CA PRO A 362 0.45 -1.08 -16.20
C PRO A 362 -0.85 -1.83 -16.32
N PHE A 363 -0.81 -3.12 -16.67
CA PHE A 363 -2.03 -3.89 -16.86
C PHE A 363 -2.89 -3.86 -15.60
N PHE A 364 -2.28 -4.09 -14.43
CA PHE A 364 -3.05 -4.14 -13.20
C PHE A 364 -3.27 -2.76 -12.61
N ALA A 365 -2.38 -1.80 -12.87
CA ALA A 365 -2.66 -0.43 -12.49
C ALA A 365 -3.97 0.05 -13.11
N GLU A 366 -4.17 -0.30 -14.38
CA GLU A 366 -5.40 0.13 -15.05
C GLU A 366 -6.61 -0.57 -14.45
N ILE A 367 -6.49 -1.86 -14.14
CA ILE A 367 -7.59 -2.57 -13.50
C ILE A 367 -7.89 -1.98 -12.12
N LYS A 368 -6.86 -1.62 -11.35
CA LYS A 368 -7.12 -0.98 -10.06
C LYS A 368 -7.94 0.29 -10.24
N GLU A 369 -7.57 1.10 -11.23
CA GLU A 369 -8.32 2.32 -11.55
C GLU A 369 -9.74 1.98 -11.99
N ARG A 370 -9.88 1.03 -12.89
CA ARG A 370 -11.21 0.75 -13.48
C ARG A 370 -12.19 0.17 -12.47
N LEU A 371 -11.72 -0.73 -11.60
CA LEU A 371 -12.61 -1.43 -10.70
C LEU A 371 -12.52 -0.95 -9.27
N GLY A 372 -11.57 -0.06 -8.96
CA GLY A 372 -11.39 0.40 -7.61
C GLY A 372 -10.90 -0.68 -6.67
N VAL A 373 -10.06 -1.58 -7.17
CA VAL A 373 -9.50 -2.69 -6.37
C VAL A 373 -8.03 -2.42 -6.11
N SER B 4 -20.84 21.45 -24.95
CA SER B 4 -19.80 22.48 -24.96
C SER B 4 -18.87 22.32 -26.16
N PRO B 5 -18.26 23.42 -26.63
CA PRO B 5 -17.08 23.25 -27.48
C PRO B 5 -15.97 22.51 -26.76
N THR B 6 -15.73 22.87 -25.50
CA THR B 6 -14.76 22.14 -24.68
C THR B 6 -15.19 20.69 -24.47
N ALA B 7 -16.48 20.45 -24.23
CA ALA B 7 -16.96 19.08 -24.08
C ALA B 7 -16.70 18.28 -25.36
N ALA B 8 -16.86 18.90 -26.52
CA ALA B 8 -16.58 18.21 -27.77
C ALA B 8 -15.10 17.91 -27.92
N VAL B 9 -14.25 18.87 -27.55
CA VAL B 9 -12.82 18.66 -27.64
C VAL B 9 -12.42 17.47 -26.78
N ILE B 10 -12.91 17.45 -25.54
CA ILE B 10 -12.45 16.41 -24.62
C ILE B 10 -12.98 15.05 -25.04
N ALA B 11 -14.22 15.01 -25.54
CA ALA B 11 -14.73 13.76 -26.10
C ALA B 11 -13.81 13.22 -27.19
N GLU B 12 -13.32 14.09 -28.07
CA GLU B 12 -12.41 13.65 -29.12
C GLU B 12 -11.09 13.14 -28.54
N VAL B 13 -10.59 13.79 -27.47
CA VAL B 13 -9.37 13.32 -26.82
C VAL B 13 -9.59 11.95 -26.22
N ASP B 14 -10.68 11.81 -25.45
CA ASP B 14 -10.96 10.52 -24.79
C ASP B 14 -11.06 9.39 -25.81
N GLU B 15 -11.63 9.67 -26.98
CA GLU B 15 -11.77 8.65 -28.02
C GLU B 15 -10.42 8.25 -28.59
N LEU B 16 -9.53 9.22 -28.83
CA LEU B 16 -8.17 8.89 -29.27
C LEU B 16 -7.40 8.17 -28.17
N ARG B 17 -7.56 8.62 -26.93
CA ARG B 17 -6.93 7.94 -25.80
C ARG B 17 -7.34 6.47 -25.76
N GLU B 18 -8.63 6.19 -25.97
CA GLU B 18 -9.07 4.80 -26.02
C GLU B 18 -8.40 4.04 -27.14
N LYS B 19 -8.28 4.66 -28.32
CA LYS B 19 -7.69 3.99 -29.47
C LYS B 19 -6.24 3.59 -29.22
N ILE B 20 -5.50 4.37 -28.42
CA ILE B 20 -4.07 4.16 -28.29
C ILE B 20 -3.71 3.48 -26.96
N LYS B 21 -4.71 2.98 -26.22
CA LYS B 21 -4.44 2.47 -24.88
C LYS B 21 -3.50 1.26 -24.91
N GLY B 22 -3.57 0.45 -25.94
CA GLY B 22 -2.69 -0.70 -25.94
C GLY B 22 -1.31 -0.44 -26.50
N SER B 23 -0.96 0.81 -26.77
CA SER B 23 0.21 1.09 -27.62
C SER B 23 1.29 1.90 -26.91
N ARG B 24 1.37 1.86 -25.57
CA ARG B 24 2.36 2.70 -24.88
C ARG B 24 3.78 2.38 -25.32
N ASN B 25 4.05 1.13 -25.68
CA ASN B 25 5.41 0.80 -26.10
C ASN B 25 5.78 1.42 -27.44
N SER B 26 4.81 1.97 -28.17
CA SER B 26 5.07 2.68 -29.42
C SER B 26 4.99 4.20 -29.31
N PHE B 27 4.91 4.75 -28.08
CA PHE B 27 4.64 6.18 -27.95
C PHE B 27 5.77 7.06 -28.47
N ARG B 28 6.95 6.51 -28.74
CA ARG B 28 8.03 7.27 -29.35
C ARG B 28 8.42 6.72 -30.72
N ASP B 29 7.67 5.75 -31.23
CA ASP B 29 7.87 5.27 -32.59
C ASP B 29 7.30 6.26 -33.59
N GLN B 30 8.10 6.62 -34.61
CA GLN B 30 7.64 7.67 -35.52
C GLN B 30 6.47 7.24 -36.37
N SER B 31 6.40 5.95 -36.75
CA SER B 31 5.22 5.51 -37.48
C SER B 31 3.96 5.71 -36.66
N PHE B 32 4.01 5.38 -35.37
CA PHE B 32 2.87 5.60 -34.49
C PHE B 32 2.58 7.09 -34.31
N LEU B 33 3.62 7.87 -34.08
CA LEU B 33 3.43 9.30 -33.85
C LEU B 33 2.88 10.00 -35.08
N ASP B 34 3.35 9.61 -36.28
CA ASP B 34 2.81 10.21 -37.49
C ASP B 34 1.30 9.97 -37.59
N GLN B 35 0.85 8.75 -37.25
CA GLN B 35 -0.57 8.44 -37.32
C GLN B 35 -1.35 9.16 -36.22
N LEU B 36 -0.83 9.16 -34.99
CA LEU B 36 -1.49 9.88 -33.90
C LEU B 36 -1.63 11.36 -34.24
N ALA B 37 -0.54 11.96 -34.73
CA ALA B 37 -0.57 13.37 -35.11
C ALA B 37 -1.63 13.64 -36.16
N GLN B 38 -1.74 12.78 -37.17
CA GLN B 38 -2.75 12.97 -38.20
C GLN B 38 -4.16 12.90 -37.63
N HIS B 39 -4.42 11.92 -36.75
CA HIS B 39 -5.74 11.82 -36.15
C HIS B 39 -6.05 13.04 -35.30
N ILE B 40 -5.06 13.57 -34.58
CA ILE B 40 -5.28 14.80 -33.83
C ILE B 40 -5.61 15.94 -34.79
N ALA B 41 -4.77 16.13 -35.80
CA ALA B 41 -5.00 17.21 -36.75
C ALA B 41 -6.38 17.15 -37.37
N ASP B 42 -6.91 15.94 -37.60
CA ASP B 42 -8.20 15.76 -38.24
C ASP B 42 -9.38 15.81 -37.26
N ALA B 43 -9.13 15.83 -35.96
CA ALA B 43 -10.21 15.92 -35.00
C ALA B 43 -10.95 17.24 -35.23
N PRO B 44 -12.23 17.21 -35.59
CA PRO B 44 -12.93 18.45 -35.99
C PRO B 44 -12.79 19.59 -35.01
N HIS B 45 -12.88 19.30 -33.71
CA HIS B 45 -12.78 20.34 -32.70
C HIS B 45 -11.38 20.43 -32.10
N LEU B 46 -10.86 19.31 -31.59
CA LEU B 46 -9.54 19.32 -30.97
C LEU B 46 -8.46 19.80 -31.93
N GLY B 47 -8.51 19.38 -33.20
CA GLY B 47 -7.42 19.67 -34.12
C GLY B 47 -7.21 21.14 -34.39
N ARG B 48 -8.21 21.97 -34.14
CA ARG B 48 -8.12 23.39 -34.43
C ARG B 48 -7.66 24.21 -33.23
N GLN B 49 -7.43 23.58 -32.08
CA GLN B 49 -6.95 24.35 -30.94
C GLN B 49 -5.47 24.69 -31.11
N PRO B 50 -5.04 25.90 -30.72
CA PRO B 50 -3.62 26.23 -30.86
C PRO B 50 -2.71 25.22 -30.17
N ILE B 51 -3.08 24.74 -28.98
CA ILE B 51 -2.22 23.76 -28.31
C ILE B 51 -2.16 22.46 -29.10
N ALA B 52 -3.23 22.10 -29.79
CA ALA B 52 -3.21 20.88 -30.60
C ALA B 52 -2.33 21.06 -31.85
N ARG B 53 -2.32 22.25 -32.44
CA ARG B 53 -1.36 22.47 -33.52
C ARG B 53 0.07 22.32 -33.01
N ALA B 54 0.33 22.78 -31.78
CA ALA B 54 1.68 22.67 -31.25
C ALA B 54 2.06 21.20 -31.04
N LEU B 55 1.15 20.42 -30.45
CA LEU B 55 1.48 19.01 -30.22
C LEU B 55 1.71 18.26 -31.52
N VAL B 56 0.87 18.53 -32.52
CA VAL B 56 1.03 17.87 -33.83
C VAL B 56 2.40 18.18 -34.42
N GLU B 57 2.84 19.43 -34.31
CA GLU B 57 4.16 19.78 -34.84
C GLU B 57 5.27 19.07 -34.07
N ASP B 58 5.18 19.06 -32.74
CA ASP B 58 6.18 18.33 -31.95
C ASP B 58 6.20 16.85 -32.30
N LEU B 59 5.02 16.23 -32.39
CA LEU B 59 5.01 14.79 -32.62
C LEU B 59 5.54 14.47 -34.02
N ARG B 60 5.20 15.29 -35.01
CA ARG B 60 5.66 15.03 -36.37
C ARG B 60 7.18 15.19 -36.49
N GLY B 61 7.78 16.00 -35.64
CA GLY B 61 9.21 16.23 -35.68
C GLY B 61 10.01 15.39 -34.68
N TYR B 62 9.39 14.42 -34.02
CA TYR B 62 10.01 13.78 -32.87
C TYR B 62 11.23 12.95 -33.24
N ALA B 63 11.28 12.41 -34.46
CA ALA B 63 12.41 11.58 -34.86
C ALA B 63 13.72 12.37 -34.91
N SER B 64 13.66 13.65 -35.24
CA SER B 64 14.88 14.45 -35.24
C SER B 64 15.01 15.32 -34.01
N GLU B 65 13.89 15.65 -33.36
CA GLU B 65 13.87 16.52 -32.19
C GLU B 65 12.99 15.83 -31.17
N PRO B 66 13.54 14.93 -30.33
CA PRO B 66 12.74 14.23 -29.32
C PRO B 66 12.42 15.12 -28.14
N ARG B 67 11.60 16.13 -28.40
CA ARG B 67 11.16 17.07 -27.36
C ARG B 67 9.77 17.57 -27.72
N LEU B 68 8.97 17.96 -26.74
CA LEU B 68 7.70 18.60 -27.00
C LEU B 68 7.86 20.10 -26.75
N ALA B 69 8.68 20.73 -27.60
CA ALA B 69 9.05 22.12 -27.33
C ALA B 69 7.90 23.08 -27.61
N ALA B 70 7.17 22.89 -28.72
CA ALA B 70 6.12 23.85 -29.02
C ALA B 70 4.98 23.77 -28.00
N VAL B 71 4.65 22.54 -27.57
CA VAL B 71 3.63 22.37 -26.54
C VAL B 71 4.08 23.01 -25.24
N LYS B 72 5.31 22.76 -24.85
CA LYS B 72 5.78 23.32 -23.59
C LYS B 72 5.91 24.84 -23.66
N ALA B 73 6.28 25.39 -24.82
CA ALA B 73 6.30 26.86 -24.94
C ALA B 73 4.92 27.44 -24.74
N HIS B 74 3.91 26.86 -25.41
CA HIS B 74 2.53 27.28 -25.19
C HIS B 74 2.16 27.23 -23.71
N ILE B 75 2.43 26.10 -23.05
CA ILE B 75 2.01 25.94 -21.66
C ILE B 75 2.76 26.91 -20.77
N ASN B 76 4.09 26.97 -20.92
CA ASN B 76 4.90 27.81 -20.05
C ASN B 76 4.61 29.30 -20.24
N GLU B 77 4.22 29.70 -21.45
CA GLU B 77 3.88 31.10 -21.69
C GLU B 77 2.42 31.41 -21.35
N GLU B 78 1.65 30.39 -20.93
CA GLU B 78 0.26 30.56 -20.54
C GLU B 78 -0.53 31.25 -21.64
N ARG B 79 -0.35 30.76 -22.87
CA ARG B 79 -1.07 31.32 -24.02
C ARG B 79 -2.57 31.17 -23.87
N ASP B 80 -3.01 30.11 -23.22
CA ASP B 80 -4.36 29.98 -22.71
C ASP B 80 -4.28 29.04 -21.51
N GLN B 81 -5.43 28.59 -21.02
CA GLN B 81 -5.46 27.72 -19.84
C GLN B 81 -5.77 26.27 -20.20
N HIS B 82 -5.31 25.82 -21.36
CA HIS B 82 -5.47 24.43 -21.80
C HIS B 82 -4.13 23.72 -21.71
N ILE B 83 -4.17 22.44 -21.33
CA ILE B 83 -2.98 21.60 -21.34
C ILE B 83 -3.33 20.37 -22.16
N PHE B 84 -2.48 20.02 -23.12
CA PHE B 84 -2.75 18.90 -24.00
C PHE B 84 -1.40 18.34 -24.39
N SER B 85 -1.21 17.04 -24.18
CA SER B 85 0.07 16.46 -24.55
C SER B 85 -0.05 14.95 -24.54
N LEU B 86 1.07 14.30 -24.85
CA LEU B 86 1.22 12.86 -24.72
C LEU B 86 2.17 12.61 -23.57
N PHE B 87 1.73 11.81 -22.59
CA PHE B 87 2.42 11.69 -21.31
C PHE B 87 2.95 10.28 -21.07
N ASP B 88 4.02 10.20 -20.29
CA ASP B 88 4.61 8.92 -19.87
C ASP B 88 5.24 9.15 -18.48
N ALA B 89 4.41 9.02 -17.44
CA ALA B 89 4.82 9.24 -16.06
C ALA B 89 4.55 7.94 -15.32
N SER B 90 5.62 7.22 -14.95
CA SER B 90 5.40 5.89 -14.38
C SER B 90 4.56 5.96 -13.11
N TYR B 91 4.63 7.05 -12.34
CA TYR B 91 3.82 7.14 -11.13
C TYR B 91 2.43 7.70 -11.39
N PHE B 92 2.15 8.21 -12.59
CA PHE B 92 0.80 8.56 -13.02
C PHE B 92 0.42 7.68 -14.21
N PRO B 93 0.24 6.37 -14.00
CA PRO B 93 0.03 5.47 -15.14
C PRO B 93 -1.24 5.72 -15.95
N SER B 94 -2.23 6.44 -15.40
CA SER B 94 -3.47 6.74 -16.12
C SER B 94 -3.29 7.73 -17.26
N LEU B 95 -2.14 8.41 -17.31
CA LEU B 95 -1.93 9.48 -18.32
C LEU B 95 -1.32 8.95 -19.63
N SER B 96 -2.02 9.15 -20.74
CA SER B 96 -1.50 8.82 -22.09
C SER B 96 -1.65 10.05 -22.98
N LEU B 97 -2.72 10.14 -23.76
CA LEU B 97 -3.02 11.38 -24.51
C LEU B 97 -4.07 12.06 -23.62
N GLU B 98 -3.79 13.28 -23.15
CA GLU B 98 -4.68 13.89 -22.16
C GLU B 98 -4.80 15.39 -22.40
N TYR B 99 -5.92 15.93 -21.92
CA TYR B 99 -6.31 17.31 -22.13
C TYR B 99 -7.02 17.81 -20.89
N LEU B 100 -6.70 19.03 -20.46
CA LEU B 100 -7.46 19.65 -19.39
C LEU B 100 -7.52 21.16 -19.61
N THR B 101 -8.51 21.77 -18.99
CA THR B 101 -8.54 23.23 -18.87
C THR B 101 -8.52 23.56 -17.39
N TYR B 102 -7.83 24.65 -17.03
CA TYR B 102 -7.65 24.97 -15.63
C TYR B 102 -8.01 26.43 -15.36
N GLU B 103 -8.16 26.73 -14.08
CA GLU B 103 -8.38 28.09 -13.63
C GLU B 103 -7.35 28.39 -12.56
N THR B 104 -6.77 29.59 -12.66
CA THR B 104 -5.76 30.01 -11.71
C THR B 104 -6.42 30.54 -10.45
N LEU B 105 -5.62 30.69 -9.41
CA LEU B 105 -6.12 31.05 -8.09
C LEU B 105 -5.45 32.34 -7.64
N PRO B 106 -6.09 33.09 -6.74
CA PRO B 106 -5.44 34.28 -6.20
C PRO B 106 -4.08 33.94 -5.58
N THR B 107 -3.15 34.89 -5.68
CA THR B 107 -1.78 34.66 -5.24
C THR B 107 -1.32 35.80 -4.34
N ASN B 108 -0.69 35.46 -3.22
CA ASN B 108 -0.19 36.48 -2.32
C ASN B 108 1.12 37.03 -2.86
N PRO B 109 1.24 38.34 -3.06
CA PRO B 109 2.45 38.88 -3.70
C PRO B 109 3.73 38.58 -2.94
N HIS B 110 3.76 38.74 -1.61
CA HIS B 110 5.02 38.49 -0.91
C HIS B 110 5.42 37.02 -1.03
N LEU B 111 4.47 36.12 -0.84
CA LEU B 111 4.78 34.70 -0.92
C LEU B 111 5.39 34.34 -2.26
N ALA B 112 4.77 34.80 -3.35
CA ALA B 112 5.28 34.45 -4.67
C ALA B 112 6.62 35.13 -4.97
N ALA B 113 6.89 36.29 -4.35
CA ALA B 113 8.17 36.96 -4.58
C ALA B 113 9.29 36.38 -3.73
N ARG B 114 9.05 36.26 -2.42
CA ARG B 114 10.09 35.79 -1.50
C ARG B 114 10.36 34.31 -1.66
N TYR B 115 9.34 33.51 -1.99
CA TYR B 115 9.50 32.07 -2.11
C TYR B 115 9.22 31.64 -3.53
N ALA B 116 9.83 32.32 -4.49
CA ALA B 116 9.45 32.17 -5.89
C ALA B 116 9.82 30.80 -6.45
N SER B 117 8.92 30.27 -7.27
CA SER B 117 9.15 29.05 -8.03
C SER B 117 8.14 29.03 -9.17
N PRO B 118 8.38 28.22 -10.19
CA PRO B 118 7.43 28.17 -11.32
C PRO B 118 6.20 27.32 -11.04
N THR B 119 5.63 27.47 -9.85
CA THR B 119 4.50 26.66 -9.42
C THR B 119 3.18 27.30 -9.82
N MET B 120 2.25 26.47 -10.29
CA MET B 120 0.92 26.84 -10.77
C MET B 120 -0.11 26.07 -9.95
N PRO B 121 -0.59 26.59 -8.84
CA PRO B 121 -1.75 26.00 -8.15
C PRO B 121 -3.02 26.36 -8.92
N VAL B 122 -3.71 25.33 -9.43
CA VAL B 122 -4.86 25.55 -10.31
C VAL B 122 -5.96 24.58 -9.93
N ASN B 123 -7.17 24.89 -10.38
CA ASN B 123 -8.28 23.95 -10.36
C ASN B 123 -8.52 23.40 -11.75
N ILE B 124 -8.74 22.09 -11.85
CA ILE B 124 -9.18 21.51 -13.11
C ILE B 124 -10.66 21.83 -13.29
N ILE B 125 -10.98 22.44 -14.42
CA ILE B 125 -12.36 22.67 -14.80
C ILE B 125 -12.93 21.51 -15.59
N ALA B 126 -12.22 21.07 -16.64
CA ALA B 126 -12.64 19.95 -17.45
C ALA B 126 -11.40 19.14 -17.84
N SER B 127 -11.57 17.83 -18.03
CA SER B 127 -10.40 17.06 -18.41
C SER B 127 -10.76 15.73 -19.03
N SER B 128 -9.80 15.18 -19.78
CA SER B 128 -9.87 13.82 -20.28
C SER B 128 -9.76 12.81 -19.12
N LYS B 129 -10.03 11.56 -19.44
CA LYS B 129 -10.21 10.53 -18.41
C LYS B 129 -8.95 10.33 -17.56
N GLY B 130 -7.77 10.38 -18.19
CA GLY B 130 -6.56 10.12 -17.44
C GLY B 130 -6.35 11.09 -16.27
N PHE B 131 -6.74 12.36 -16.46
CA PHE B 131 -6.59 13.38 -15.43
C PHE B 131 -7.65 13.25 -14.35
N GLN B 132 -8.63 12.37 -14.53
CA GLN B 132 -9.68 12.22 -13.51
C GLN B 132 -9.28 11.24 -12.42
N SER B 133 -8.18 10.51 -12.61
CA SER B 133 -7.68 9.60 -11.59
C SER B 133 -7.32 10.36 -10.33
N ARG B 134 -7.74 9.83 -9.17
CA ARG B 134 -7.33 10.53 -7.95
C ARG B 134 -5.83 10.44 -7.71
N VAL B 135 -5.12 9.56 -8.41
CA VAL B 135 -3.67 9.50 -8.26
C VAL B 135 -3.00 10.78 -8.76
N VAL B 136 -3.60 11.43 -9.76
CA VAL B 136 -2.90 12.46 -10.52
C VAL B 136 -3.22 13.80 -9.87
N VAL B 137 -2.38 14.19 -8.89
CA VAL B 137 -2.59 15.42 -8.13
C VAL B 137 -1.75 16.58 -8.65
N ALA B 138 -0.86 16.32 -9.60
CA ALA B 138 0.05 17.34 -10.10
C ALA B 138 0.51 16.93 -11.49
N LEU B 139 1.21 17.85 -12.16
CA LEU B 139 1.77 17.57 -13.48
C LEU B 139 3.13 18.21 -13.58
N PHE B 140 4.14 17.39 -13.86
CA PHE B 140 5.53 17.84 -13.91
C PHE B 140 6.04 17.83 -15.34
N PRO B 141 6.99 18.71 -15.68
CA PRO B 141 7.44 18.79 -17.08
C PRO B 141 7.98 17.49 -17.62
N GLU B 142 8.71 16.73 -16.80
CA GLU B 142 9.26 15.46 -17.25
C GLU B 142 8.19 14.37 -17.41
N ASN B 143 6.94 14.66 -17.04
CA ASN B 143 5.84 13.71 -17.29
C ASN B 143 5.47 13.62 -18.77
N HIS B 144 5.79 14.63 -19.57
CA HIS B 144 5.61 14.55 -21.02
C HIS B 144 6.53 13.48 -21.58
N ILE B 145 6.19 12.97 -22.77
CA ILE B 145 6.99 11.83 -23.28
C ILE B 145 8.46 12.20 -23.45
N ASP B 146 8.78 13.48 -23.69
CA ASP B 146 10.21 13.79 -23.84
C ASP B 146 10.99 13.61 -22.54
N GLY B 147 10.32 13.54 -21.40
CA GLY B 147 11.01 13.29 -20.15
C GLY B 147 11.93 14.40 -19.68
N ILE B 148 11.80 15.61 -20.23
CA ILE B 148 12.70 16.71 -19.95
C ILE B 148 12.06 17.63 -18.92
N GLN B 149 12.88 18.16 -18.01
CA GLN B 149 12.48 19.22 -17.11
C GLN B 149 13.54 20.30 -17.09
N ARG B 150 13.09 21.56 -17.07
CA ARG B 150 13.98 22.69 -16.87
C ARG B 150 13.51 23.48 -15.66
N GLY B 151 14.45 24.17 -15.01
CA GLY B 151 14.17 24.83 -13.75
C GLY B 151 13.08 25.87 -13.84
N ASP B 152 12.79 26.37 -15.03
CA ASP B 152 11.74 27.38 -15.21
C ASP B 152 10.49 26.84 -15.88
N ASP B 153 10.40 25.52 -16.11
CA ASP B 153 9.15 24.93 -16.56
C ASP B 153 8.06 25.09 -15.51
N LEU B 154 6.83 25.36 -15.93
CA LEU B 154 5.73 25.44 -14.98
C LEU B 154 5.39 24.05 -14.46
N ILE B 155 5.07 24.00 -13.17
CA ILE B 155 4.68 22.77 -12.48
C ILE B 155 3.28 22.99 -11.96
N PHE B 156 2.36 22.08 -12.26
CA PHE B 156 0.97 22.32 -11.92
C PHE B 156 0.58 21.46 -10.72
N TYR B 157 -0.21 22.05 -9.81
CA TYR B 157 -0.84 21.32 -8.72
C TYR B 157 -2.34 21.49 -8.84
N PHE B 158 -3.07 20.39 -8.77
CA PHE B 158 -4.52 20.42 -8.94
C PHE B 158 -5.17 20.58 -7.56
N ILE B 159 -5.38 21.84 -7.19
CA ILE B 159 -5.75 22.15 -5.82
C ILE B 159 -7.13 21.56 -5.48
N ASN B 160 -8.04 21.55 -6.46
CA ASN B 160 -9.35 20.94 -6.21
C ASN B 160 -9.24 19.53 -5.66
N LYS B 161 -8.23 18.76 -6.08
CA LYS B 161 -8.07 17.41 -5.54
C LYS B 161 -7.58 17.43 -4.10
N PHE B 162 -6.80 18.44 -3.72
CA PHE B 162 -6.34 18.48 -2.33
C PHE B 162 -7.45 18.95 -1.39
N VAL B 163 -8.30 19.85 -1.87
CA VAL B 163 -9.52 20.19 -1.14
C VAL B 163 -10.37 18.94 -0.93
N GLU B 164 -10.59 18.18 -2.00
CA GLU B 164 -11.40 16.97 -1.89
C GLU B 164 -10.84 16.01 -0.83
N ARG B 165 -9.52 15.75 -0.88
CA ARG B 165 -8.88 14.86 0.08
C ARG B 165 -8.94 15.41 1.49
N HIS B 166 -8.78 16.73 1.64
CA HIS B 166 -8.87 17.31 2.96
C HIS B 166 -10.24 17.01 3.57
N ASN B 167 -11.30 17.20 2.78
CA ASN B 167 -12.64 17.07 3.34
C ASN B 167 -13.05 15.61 3.53
N ARG B 168 -12.45 14.70 2.76
CA ARG B 168 -12.78 13.27 2.82
C ARG B 168 -12.01 12.54 3.94
N ILE B 169 -10.75 12.91 4.16
CA ILE B 169 -9.90 12.25 5.12
C ILE B 169 -9.57 13.16 6.30
N THR B 170 -8.94 14.30 6.03
CA THR B 170 -8.40 15.10 7.13
C THR B 170 -9.51 15.54 8.11
N ARG B 171 -10.64 16.01 7.59
CA ARG B 171 -11.64 16.58 8.50
C ARG B 171 -12.10 15.53 9.51
N LYS B 172 -12.49 14.36 9.03
CA LYS B 172 -12.92 13.28 9.89
C LYS B 172 -11.81 12.85 10.87
N MET B 173 -10.55 12.91 10.43
CA MET B 173 -9.43 12.62 11.31
C MET B 173 -9.27 13.68 12.40
N ILE B 174 -9.39 14.96 12.05
CA ILE B 174 -9.29 16.01 13.06
C ILE B 174 -10.31 15.77 14.17
N ASP B 175 -11.54 15.45 13.77
CA ASP B 175 -12.63 15.26 14.73
C ASP B 175 -12.34 14.11 15.67
N ALA B 176 -11.75 13.04 15.15
CA ALA B 176 -11.57 11.82 15.93
C ALA B 176 -10.28 11.79 16.71
N VAL B 177 -9.25 12.49 16.23
CA VAL B 177 -7.89 12.27 16.70
C VAL B 177 -7.31 13.45 17.45
N MET B 178 -7.82 14.65 17.23
CA MET B 178 -7.22 15.89 17.71
C MET B 178 -7.96 16.33 18.96
N ALA B 179 -7.24 16.89 19.92
CA ALA B 179 -7.93 17.48 21.06
C ALA B 179 -8.77 18.69 20.62
N GLU B 180 -9.88 18.91 21.33
CA GLU B 180 -10.74 20.06 21.05
C GLU B 180 -9.91 21.33 20.87
N GLY B 181 -10.23 22.10 19.83
CA GLY B 181 -9.56 23.36 19.57
C GLY B 181 -8.17 23.32 18.95
N SER B 182 -7.76 22.20 18.34
CA SER B 182 -6.39 22.12 17.82
C SER B 182 -6.22 22.97 16.56
N PHE B 183 -7.20 22.95 15.67
CA PHE B 183 -7.13 23.61 14.37
C PHE B 183 -8.37 24.48 14.18
N PRO B 184 -8.50 25.54 14.97
CA PRO B 184 -9.76 26.33 14.94
C PRO B 184 -10.04 27.03 13.61
N LEU B 185 -9.02 27.50 12.89
CA LEU B 185 -9.25 28.16 11.62
C LEU B 185 -9.74 27.19 10.55
N LEU B 186 -9.45 25.89 10.68
CA LEU B 186 -9.93 24.90 9.73
C LEU B 186 -11.36 24.44 10.01
N ARG B 187 -11.85 24.59 11.25
CA ARG B 187 -13.20 24.15 11.57
C ARG B 187 -14.21 24.85 10.68
N GLY B 188 -15.02 24.06 9.98
CA GLY B 188 -16.06 24.55 9.10
C GLY B 188 -15.58 25.33 7.91
N ALA B 189 -14.26 25.40 7.68
CA ALA B 189 -13.72 26.23 6.61
C ALA B 189 -14.33 25.82 5.27
N ASP B 190 -14.69 26.81 4.47
CA ASP B 190 -15.29 26.49 3.19
C ASP B 190 -14.20 26.11 2.19
N ASP B 191 -14.63 25.64 1.02
CA ASP B 191 -13.68 25.08 0.06
C ASP B 191 -12.70 26.14 -0.43
N ARG B 192 -13.14 27.41 -0.54
CA ARG B 192 -12.21 28.47 -0.96
C ARG B 192 -11.12 28.69 0.08
N THR B 193 -11.47 28.64 1.37
CA THR B 193 -10.47 28.81 2.41
C THR B 193 -9.43 27.69 2.38
N VAL B 194 -9.90 26.45 2.28
CA VAL B 194 -8.97 25.33 2.16
C VAL B 194 -8.14 25.46 0.90
N GLU B 195 -8.77 25.94 -0.17
CA GLU B 195 -8.06 26.10 -1.44
C GLU B 195 -6.91 27.10 -1.31
N GLN B 196 -7.14 28.21 -0.62
CA GLN B 196 -6.06 29.18 -0.46
C GLN B 196 -4.93 28.61 0.39
N ALA B 197 -5.27 27.88 1.46
CA ALA B 197 -4.24 27.26 2.30
C ALA B 197 -3.44 26.25 1.49
N SER B 198 -4.12 25.46 0.68
CA SER B 198 -3.44 24.45 -0.11
C SER B 198 -2.52 25.08 -1.15
N SER B 199 -2.92 26.23 -1.72
CA SER B 199 -2.04 26.85 -2.70
C SER B 199 -0.78 27.41 -2.04
N TRP B 200 -0.89 27.94 -0.81
CA TRP B 200 0.32 28.32 -0.08
C TRP B 200 1.21 27.11 0.14
N TRP B 201 0.60 26.01 0.58
CA TRP B 201 1.37 24.80 0.87
C TRP B 201 2.19 24.35 -0.35
N VAL B 202 1.54 24.25 -1.53
CA VAL B 202 2.27 23.71 -2.67
C VAL B 202 3.36 24.68 -3.10
N ARG B 203 3.10 25.98 -3.03
CA ARG B 203 4.14 26.95 -3.38
C ARG B 203 5.34 26.83 -2.45
N LEU B 204 5.10 26.76 -1.14
CA LEU B 204 6.22 26.65 -0.21
C LEU B 204 6.92 25.32 -0.37
N HIS B 205 6.16 24.26 -0.69
CA HIS B 205 6.71 22.94 -0.92
C HIS B 205 7.74 22.95 -2.04
N GLU B 206 7.33 23.43 -3.22
CA GLU B 206 8.22 23.45 -4.36
C GLU B 206 9.45 24.31 -4.09
N TYR B 207 9.24 25.46 -3.45
CA TYR B 207 10.36 26.35 -3.14
C TYR B 207 11.38 25.65 -2.25
N HIS B 208 10.91 25.01 -1.16
CA HIS B 208 11.90 24.50 -0.21
C HIS B 208 12.59 23.24 -0.70
N HIS B 209 12.00 22.51 -1.64
CA HIS B 209 12.73 21.38 -2.23
C HIS B 209 14.06 21.83 -2.82
N ARG B 210 14.14 23.05 -3.34
CA ARG B 210 15.37 23.53 -3.97
C ARG B 210 16.34 24.18 -2.98
N GLN B 211 15.97 24.34 -1.70
CA GLN B 211 16.81 24.93 -0.67
C GLN B 211 17.50 23.87 0.16
N GLY B 212 18.61 24.26 0.79
CA GLY B 212 19.35 23.39 1.69
C GLY B 212 20.61 22.80 1.06
N ASP B 213 21.21 21.87 1.81
CA ASP B 213 22.49 21.29 1.42
C ASP B 213 22.35 20.07 0.52
N MET B 214 21.14 19.53 0.38
CA MET B 214 20.90 18.36 -0.46
C MET B 214 19.60 18.55 -1.23
N PRO B 215 19.52 19.61 -2.02
CA PRO B 215 18.27 19.93 -2.71
C PRO B 215 17.97 18.96 -3.82
N ILE B 216 16.70 18.91 -4.22
CA ILE B 216 16.34 18.17 -5.41
C ILE B 216 15.95 19.17 -6.48
N PRO B 217 16.19 18.89 -7.76
CA PRO B 217 16.56 17.56 -8.28
C PRO B 217 18.03 17.11 -8.13
N GLU B 218 18.93 17.97 -7.65
CA GLU B 218 20.35 17.60 -7.67
C GLU B 218 20.60 16.27 -6.95
N PHE B 219 19.97 16.09 -5.79
CA PHE B 219 20.19 14.89 -5.00
C PHE B 219 18.99 13.96 -5.02
N LEU B 220 18.13 14.09 -6.04
CA LEU B 220 16.93 13.27 -6.15
C LEU B 220 17.25 11.78 -6.09
N ARG B 221 18.29 11.32 -6.80
CA ARG B 221 18.49 9.87 -6.82
C ARG B 221 18.88 9.32 -5.47
N TYR B 222 19.24 10.16 -4.51
CA TYR B 222 19.53 9.74 -3.15
C TYR B 222 18.32 9.84 -2.23
N LYS B 223 17.19 10.35 -2.72
CA LYS B 223 16.02 10.59 -1.90
C LYS B 223 14.78 9.94 -2.51
N LYS B 224 14.94 8.78 -3.13
CA LYS B 224 13.79 8.03 -3.63
C LYS B 224 13.48 6.77 -2.83
N LEU B 225 14.44 6.22 -2.09
CA LEU B 225 14.11 5.20 -1.09
C LEU B 225 12.93 5.69 -0.26
N LYS B 226 11.99 4.79 0.04
CA LYS B 226 10.74 5.22 0.68
C LYS B 226 10.97 6.12 1.90
N PRO B 227 11.73 5.72 2.91
CA PRO B 227 11.89 6.61 4.08
C PRO B 227 12.50 7.95 3.74
N LEU B 228 13.43 7.98 2.79
CA LEU B 228 14.14 9.22 2.46
C LEU B 228 13.27 10.12 1.60
N ALA B 229 12.51 9.52 0.69
CA ALA B 229 11.52 10.29 -0.07
C ALA B 229 10.55 10.98 0.87
N GLY B 230 10.03 10.24 1.87
CA GLY B 230 9.15 10.86 2.86
C GLY B 230 9.88 11.90 3.69
N LEU B 231 11.10 11.61 4.10
CA LEU B 231 11.79 12.57 4.96
C LEU B 231 12.06 13.88 4.23
N GLU B 232 12.33 13.82 2.92
CA GLU B 232 12.49 15.04 2.13
C GLU B 232 11.17 15.81 2.02
N GLU B 233 10.06 15.10 1.80
CA GLU B 233 8.74 15.75 1.84
C GLU B 233 8.53 16.47 3.15
N LEU B 234 8.89 15.83 4.25
CA LEU B 234 8.66 16.41 5.57
C LEU B 234 9.63 17.56 5.84
N ARG B 235 10.90 17.43 5.41
CA ARG B 235 11.81 18.58 5.53
C ARG B 235 11.18 19.84 4.91
N VAL B 236 10.66 19.73 3.69
CA VAL B 236 10.15 20.92 3.02
C VAL B 236 8.85 21.37 3.66
N ASP B 237 8.01 20.44 4.12
CA ASP B 237 6.74 20.90 4.68
C ASP B 237 6.92 21.47 6.09
N VAL B 238 7.87 20.95 6.88
CA VAL B 238 8.16 21.61 8.14
C VAL B 238 8.77 22.99 7.89
N SER B 239 9.60 23.11 6.84
CA SER B 239 10.11 24.44 6.49
C SER B 239 8.96 25.39 6.20
N GLY B 240 7.95 24.91 5.46
CA GLY B 240 6.84 25.79 5.11
C GLY B 240 6.01 26.14 6.33
N MET B 241 5.88 25.17 7.23
CA MET B 241 5.21 25.37 8.50
C MET B 241 5.85 26.54 9.25
N LEU B 242 7.17 26.53 9.31
CA LEU B 242 7.90 27.54 10.07
C LEU B 242 7.85 28.90 9.38
N VAL B 243 7.88 28.91 8.04
CA VAL B 243 7.68 30.16 7.31
C VAL B 243 6.35 30.80 7.67
N CYS B 244 5.30 30.00 7.74
CA CYS B 244 3.98 30.53 8.08
C CYS B 244 3.96 31.08 9.50
N LEU B 245 4.76 30.49 10.39
CA LEU B 245 4.82 30.96 11.76
C LEU B 245 5.71 32.20 11.91
N ASN B 246 6.78 32.32 11.11
CA ASN B 246 7.88 33.23 11.40
C ASN B 246 8.01 34.43 10.46
N ASP B 247 7.52 34.35 9.24
CA ASP B 247 7.73 35.44 8.28
C ASP B 247 6.66 36.50 8.49
N PRO B 248 7.01 37.68 9.02
CA PRO B 248 5.98 38.67 9.37
C PRO B 248 5.40 39.43 8.17
N GLU B 249 6.00 39.32 6.99
CA GLU B 249 5.43 40.00 5.82
C GLU B 249 4.35 39.16 5.12
N LEU B 250 4.04 37.98 5.64
CA LEU B 250 2.88 37.26 5.12
C LEU B 250 1.62 37.71 5.85
N PRO B 251 0.47 37.79 5.18
CA PRO B 251 -0.77 38.19 5.88
C PRO B 251 -1.07 37.25 7.04
N ALA B 252 -1.35 37.84 8.20
CA ALA B 252 -1.37 37.04 9.43
C ALA B 252 -2.47 36.00 9.42
N ASP B 253 -3.65 36.36 8.88
CA ASP B 253 -4.76 35.41 8.87
C ASP B 253 -4.50 34.25 7.91
N GLU B 254 -4.02 34.56 6.70
CA GLU B 254 -3.73 33.50 5.74
C GLU B 254 -2.55 32.63 6.17
N ALA B 255 -1.55 33.24 6.84
CA ALA B 255 -0.39 32.48 7.31
C ALA B 255 -0.78 31.48 8.39
N ARG B 256 -1.60 31.88 9.35
CA ARG B 256 -1.98 30.93 10.38
C ARG B 256 -2.84 29.82 9.80
N LEU B 257 -3.71 30.16 8.84
CA LEU B 257 -4.53 29.14 8.19
C LEU B 257 -3.66 28.13 7.47
N ALA B 258 -2.65 28.60 6.74
CA ALA B 258 -1.75 27.71 6.03
C ALA B 258 -0.95 26.84 7.01
N TYR B 259 -0.52 27.41 8.14
CA TYR B 259 0.15 26.61 9.15
C TYR B 259 -0.72 25.45 9.61
N GLU B 260 -1.95 25.76 10.01
CA GLU B 260 -2.87 24.71 10.47
C GLU B 260 -3.10 23.67 9.39
N TYR B 261 -3.29 24.11 8.15
CA TYR B 261 -3.51 23.18 7.05
C TYR B 261 -2.33 22.24 6.89
N ILE B 262 -1.12 22.80 6.74
CA ILE B 262 0.04 21.94 6.48
C ILE B 262 0.27 21.00 7.65
N LEU B 263 0.18 21.49 8.88
CA LEU B 263 0.36 20.62 10.04
C LEU B 263 -0.72 19.52 10.09
N SER B 264 -1.98 19.88 9.85
CA SER B 264 -3.04 18.86 9.89
C SER B 264 -2.83 17.78 8.83
N GLU B 265 -2.39 18.17 7.64
CA GLU B 265 -2.14 17.19 6.58
C GLU B 265 -1.01 16.24 6.95
N ARG B 266 0.11 16.78 7.46
CA ARG B 266 1.27 15.93 7.74
C ARG B 266 1.08 15.12 9.01
N LEU B 267 0.37 15.67 10.00
CA LEU B 267 0.16 14.96 11.25
C LEU B 267 -0.92 13.89 11.10
N LEU B 268 -1.88 14.06 10.19
CA LEU B 268 -3.05 13.17 10.12
C LEU B 268 -3.15 12.49 8.76
N ARG B 269 -3.49 13.21 7.70
CA ARG B 269 -3.85 12.53 6.45
C ARG B 269 -2.68 11.72 5.91
N TYR B 270 -1.48 12.30 5.89
CA TYR B 270 -0.36 11.57 5.33
C TYR B 270 0.08 10.43 6.26
N ALA B 271 -0.26 10.52 7.54
CA ALA B 271 0.21 9.54 8.51
C ALA B 271 -0.46 8.19 8.30
N VAL B 272 -1.59 8.15 7.58
CA VAL B 272 -2.33 6.90 7.39
C VAL B 272 -2.22 6.38 5.96
N GLU B 273 -1.46 7.05 5.09
CA GLU B 273 -1.38 6.62 3.70
C GLU B 273 -0.69 5.27 3.57
N GLY B 274 -1.25 4.44 2.70
CA GLY B 274 -0.61 3.21 2.30
C GLY B 274 -1.21 1.96 2.93
N ILE B 275 -1.44 0.94 2.12
CA ILE B 275 -1.87 -0.37 2.61
C ILE B 275 -1.06 -1.42 1.85
N PRO B 276 -0.60 -2.49 2.51
CA PRO B 276 -0.69 -2.76 3.94
C PRO B 276 0.35 -1.98 4.75
N ARG B 277 1.40 -1.49 4.10
CA ARG B 277 2.48 -0.75 4.75
C ARG B 277 2.34 0.73 4.50
N PRO B 278 2.91 1.57 5.37
CA PRO B 278 2.96 3.01 5.07
C PRO B 278 3.71 3.27 3.77
N ASN B 279 3.24 4.27 3.03
CA ASN B 279 3.94 4.77 1.85
C ASN B 279 5.01 5.75 2.31
N TYR B 280 5.70 6.39 1.36
CA TYR B 280 6.79 7.28 1.74
C TYR B 280 6.31 8.41 2.65
N ASP B 281 5.20 9.07 2.30
CA ASP B 281 4.70 10.14 3.16
C ASP B 281 4.40 9.64 4.56
N ALA B 282 3.79 8.45 4.69
CA ALA B 282 3.35 7.99 6.00
C ALA B 282 4.53 7.66 6.90
N VAL B 283 5.59 7.06 6.37
CA VAL B 283 6.77 6.80 7.20
C VAL B 283 7.26 8.09 7.82
N ALA B 284 7.37 9.15 7.02
CA ALA B 284 7.90 10.40 7.55
C ALA B 284 6.92 11.05 8.53
N SER B 285 5.62 10.91 8.26
CA SER B 285 4.63 11.46 9.18
C SER B 285 4.65 10.73 10.50
N GLN B 286 4.92 9.41 10.48
CA GLN B 286 5.03 8.68 11.74
C GLN B 286 6.33 9.03 12.46
N LEU B 287 7.40 9.27 11.70
CA LEU B 287 8.60 9.86 12.28
C LEU B 287 8.29 11.17 13.00
N LEU B 288 7.59 12.10 12.32
CA LEU B 288 7.16 13.34 12.96
C LEU B 288 6.38 13.07 14.25
N PHE B 289 5.36 12.21 14.16
CA PHE B 289 4.51 11.94 15.31
C PHE B 289 5.34 11.49 16.51
N ASN B 290 6.22 10.52 16.32
CA ASN B 290 6.99 9.99 17.44
C ASN B 290 8.05 10.98 17.89
N TYR B 291 8.71 11.65 16.94
CA TYR B 291 9.64 12.70 17.34
C TYR B 291 8.96 13.75 18.22
N LEU B 292 7.83 14.29 17.76
CA LEU B 292 7.15 15.35 18.51
C LEU B 292 6.69 14.85 19.87
N SER B 293 6.23 13.59 19.94
CA SER B 293 5.80 13.01 21.21
C SER B 293 6.96 12.95 22.20
N GLU B 294 8.09 12.43 21.76
CA GLU B 294 9.20 12.21 22.68
C GLU B 294 9.91 13.49 23.06
N HIS B 295 9.81 14.55 22.24
CA HIS B 295 10.53 15.80 22.47
C HIS B 295 9.64 16.92 22.97
N GLY B 296 8.39 16.64 23.34
CA GLY B 296 7.54 17.63 23.99
C GLY B 296 6.76 18.57 23.09
N GLY B 297 6.55 18.24 21.81
CA GLY B 297 5.78 19.10 20.94
C GLY B 297 4.30 18.73 20.87
N ILE B 298 3.97 17.45 21.07
CA ILE B 298 2.59 17.04 21.22
C ILE B 298 2.51 16.09 22.41
N GLU B 299 1.28 15.92 22.91
CA GLU B 299 1.02 14.96 23.98
C GLU B 299 -0.25 14.20 23.64
N LEU B 300 -0.30 12.95 24.10
CA LEU B 300 -1.46 12.08 23.90
C LEU B 300 -2.21 11.98 25.21
N HIS B 301 -3.48 12.35 25.19
CA HIS B 301 -4.36 12.27 26.36
C HIS B 301 -5.66 11.63 25.90
N GLY B 302 -5.90 10.40 26.36
CA GLY B 302 -7.09 9.68 25.96
C GLY B 302 -7.14 9.36 24.48
N GLY B 303 -6.01 8.91 23.91
CA GLY B 303 -5.95 8.59 22.50
C GLY B 303 -6.05 9.78 21.58
N VAL B 304 -6.03 10.99 22.12
CA VAL B 304 -6.25 12.19 21.34
C VAL B 304 -5.01 13.05 21.44
N ILE B 305 -4.69 13.75 20.36
CA ILE B 305 -3.44 14.53 20.26
C ILE B 305 -3.71 15.95 20.71
N ARG B 306 -2.93 16.42 21.69
CA ARG B 306 -2.90 17.83 22.07
C ARG B 306 -1.64 18.47 21.51
N LEU B 307 -1.80 19.59 20.82
CA LEU B 307 -0.66 20.35 20.33
C LEU B 307 -0.14 21.21 21.48
N CYS B 308 1.16 21.06 21.82
CA CYS B 308 1.76 21.80 22.92
C CYS B 308 2.08 23.22 22.48
N PRO B 309 1.92 24.21 23.37
CA PRO B 309 2.32 25.58 23.03
C PRO B 309 3.75 25.67 22.54
N GLU B 310 4.59 24.73 22.96
CA GLU B 310 6.01 24.69 22.62
C GLU B 310 6.26 24.09 21.25
N LEU B 311 5.20 23.69 20.54
CA LEU B 311 5.39 23.02 19.24
C LEU B 311 6.25 23.80 18.26
N PRO B 312 6.12 25.12 18.10
CA PRO B 312 7.00 25.81 17.14
C PRO B 312 8.48 25.61 17.46
N ALA B 313 8.84 25.58 18.74
CA ALA B 313 10.23 25.35 19.11
C ALA B 313 10.68 23.92 18.80
N VAL B 314 9.78 22.95 18.93
CA VAL B 314 10.14 21.56 18.66
C VAL B 314 10.22 21.32 17.16
N LEU B 315 9.36 21.97 16.37
CA LEU B 315 9.49 21.89 14.92
C LEU B 315 10.82 22.48 14.45
N THR B 316 11.20 23.62 15.03
CA THR B 316 12.50 24.20 14.72
C THR B 316 13.63 23.24 15.07
N GLU B 317 13.54 22.58 16.24
CA GLU B 317 14.53 21.58 16.62
C GLU B 317 14.56 20.42 15.62
N PHE B 318 13.38 19.97 15.19
CA PHE B 318 13.33 18.85 14.24
C PHE B 318 14.00 19.22 12.92
N LEU B 319 13.65 20.37 12.35
CA LEU B 319 14.24 20.77 11.09
C LEU B 319 15.75 21.01 11.24
N ASP B 320 16.17 21.60 12.37
CA ASP B 320 17.60 21.76 12.64
C ASP B 320 18.30 20.41 12.63
N ARG B 321 17.66 19.39 13.18
CA ARG B 321 18.29 18.09 13.24
C ARG B 321 18.47 17.50 11.84
N ILE B 322 17.43 17.58 11.00
CA ILE B 322 17.56 17.13 9.62
C ILE B 322 18.68 17.90 8.93
N GLN B 323 18.74 19.21 9.16
CA GLN B 323 19.74 20.06 8.48
C GLN B 323 21.17 19.74 8.95
N ARG B 324 21.34 19.32 10.19
CA ARG B 324 22.68 18.93 10.69
C ARG B 324 23.15 17.66 9.97
N ILE B 325 22.24 16.72 9.76
CA ILE B 325 22.61 15.46 9.08
C ILE B 325 22.96 15.80 7.63
N GLU B 326 22.14 16.60 6.97
CA GLU B 326 22.35 16.91 5.52
C GLU B 326 23.61 17.76 5.35
N GLN B 327 23.91 18.62 6.32
CA GLN B 327 25.09 19.48 6.18
C GLN B 327 26.36 18.66 5.98
N ARG B 328 26.40 17.45 6.50
CA ARG B 328 27.63 16.70 6.37
C ARG B 328 27.88 16.23 4.94
N ILE B 329 26.98 16.53 3.99
CA ILE B 329 27.31 16.28 2.59
C ILE B 329 28.61 16.97 2.19
N HIS B 330 28.99 18.03 2.90
CA HIS B 330 30.21 18.75 2.56
C HIS B 330 31.48 18.03 2.99
N THR B 331 31.40 17.03 3.86
CA THR B 331 32.59 16.33 4.32
C THR B 331 32.49 14.83 4.21
N THR B 332 31.33 14.30 3.84
CA THR B 332 31.13 12.87 3.67
C THR B 332 30.34 12.64 2.38
N SER B 333 30.19 11.37 2.03
CA SER B 333 29.53 11.01 0.80
C SER B 333 28.02 11.10 0.94
N ALA B 334 27.34 11.19 -0.21
CA ALA B 334 25.89 11.11 -0.20
C ALA B 334 25.41 9.85 0.49
N GLU B 335 26.12 8.74 0.26
CA GLU B 335 25.71 7.47 0.85
C GLU B 335 25.82 7.49 2.36
N GLU B 336 26.88 8.10 2.89
CA GLU B 336 26.97 8.18 4.34
C GLU B 336 25.86 9.06 4.91
N VAL B 337 25.54 10.15 4.22
CA VAL B 337 24.41 10.97 4.66
C VAL B 337 23.13 10.15 4.63
N GLN B 338 22.88 9.43 3.54
CA GLN B 338 21.70 8.57 3.49
C GLN B 338 21.60 7.66 4.71
N GLN B 339 22.69 6.97 5.05
CA GLN B 339 22.63 6.05 6.19
C GLN B 339 22.25 6.78 7.48
N ASN B 340 22.75 8.00 7.66
CA ASN B 340 22.43 8.76 8.85
C ASN B 340 20.99 9.29 8.82
N LEU B 341 20.46 9.60 7.64
CA LEU B 341 19.04 9.94 7.54
C LEU B 341 18.15 8.73 7.85
N LEU B 342 18.56 7.54 7.42
CA LEU B 342 17.79 6.32 7.74
C LEU B 342 17.86 6.00 9.22
N GLU B 343 19.05 6.17 9.83
CA GLU B 343 19.16 5.83 11.24
C GLU B 343 18.30 6.75 12.08
N PHE B 344 18.23 8.02 11.71
CA PHE B 344 17.34 8.97 12.36
C PHE B 344 15.87 8.55 12.18
N THR B 345 15.49 8.23 10.94
CA THR B 345 14.12 7.80 10.67
C THR B 345 13.75 6.59 11.50
N ASN B 346 14.65 5.61 11.55
CA ASN B 346 14.29 4.35 12.16
C ASN B 346 14.14 4.45 13.66
N ARG B 347 14.73 5.48 14.27
CA ARG B 347 14.60 5.64 15.69
C ARG B 347 13.17 5.98 16.07
N TYR B 348 12.36 6.45 15.11
CA TYR B 348 11.04 7.01 15.42
C TYR B 348 9.94 6.38 14.57
N THR B 349 10.21 5.22 13.97
CA THR B 349 9.26 4.54 13.11
C THR B 349 9.37 3.05 13.39
N ASP B 350 8.46 2.26 12.81
CA ASP B 350 8.49 0.82 13.04
C ASP B 350 9.10 0.15 11.83
N TYR B 351 10.42 -0.03 11.88
CA TYR B 351 11.19 -0.63 10.79
C TYR B 351 11.37 -2.12 11.07
N ASP B 352 11.03 -2.95 10.08
CA ASP B 352 11.25 -4.38 10.16
C ASP B 352 12.54 -4.69 9.43
N PRO B 353 13.64 -5.03 10.13
CA PRO B 353 14.91 -5.19 9.41
C PRO B 353 14.99 -6.42 8.52
N ASP B 354 14.20 -7.47 8.79
CA ASP B 354 14.25 -8.64 7.91
C ASP B 354 13.49 -8.37 6.62
N ALA B 355 12.38 -7.65 6.70
CA ALA B 355 11.66 -7.26 5.50
C ALA B 355 12.26 -6.04 4.84
N LYS B 356 13.12 -5.30 5.55
CA LYS B 356 13.64 -4.00 5.08
C LYS B 356 12.49 -3.10 4.62
N ASP B 357 11.49 -2.99 5.47
CA ASP B 357 10.36 -2.12 5.17
C ASP B 357 9.67 -1.80 6.48
N TYR B 358 8.68 -0.90 6.41
CA TYR B 358 8.06 -0.34 7.60
C TYR B 358 6.65 -0.86 7.78
N ARG B 359 6.20 -0.83 9.04
CA ARG B 359 4.82 -1.12 9.41
C ARG B 359 4.20 0.16 9.95
N HIS B 360 2.89 0.30 9.78
CA HIS B 360 2.22 1.44 10.40
C HIS B 360 2.39 1.32 11.91
N ILE B 361 2.81 2.41 12.55
CA ILE B 361 2.94 2.41 14.02
C ILE B 361 1.56 2.16 14.62
N PRO B 362 1.47 1.56 15.81
CA PRO B 362 0.15 1.13 16.31
C PRO B 362 -0.85 2.27 16.43
N PHE B 363 -0.44 3.46 16.82
CA PHE B 363 -1.38 4.56 16.95
C PHE B 363 -2.17 4.76 15.65
N PHE B 364 -1.49 4.75 14.51
CA PHE B 364 -2.16 5.00 13.25
C PHE B 364 -2.76 3.74 12.64
N ALA B 365 -2.18 2.57 12.91
CA ALA B 365 -2.88 1.33 12.56
C ALA B 365 -4.29 1.30 13.14
N GLU B 366 -4.42 1.70 14.41
CA GLU B 366 -5.74 1.66 15.05
C GLU B 366 -6.68 2.66 14.40
N ILE B 367 -6.17 3.84 14.07
CA ILE B 367 -7.00 4.85 13.41
C ILE B 367 -7.44 4.40 12.03
N LYS B 368 -6.54 3.76 11.28
CA LYS B 368 -6.92 3.19 9.98
C LYS B 368 -8.08 2.22 10.13
N GLU B 369 -8.00 1.31 11.11
CA GLU B 369 -9.09 0.37 11.36
C GLU B 369 -10.37 1.10 11.76
N ARG B 370 -10.26 2.05 12.68
CA ARG B 370 -11.47 2.71 13.23
C ARG B 370 -12.19 3.56 12.19
N LEU B 371 -11.45 4.32 11.41
CA LEU B 371 -12.09 5.29 10.52
C LEU B 371 -12.10 4.83 9.08
N GLY B 372 -11.49 3.69 8.78
CA GLY B 372 -11.47 3.22 7.41
C GLY B 372 -10.63 4.12 6.54
N VAL B 373 -9.45 4.54 7.02
CA VAL B 373 -8.58 5.43 6.28
C VAL B 373 -7.20 4.79 6.08
#